data_4RKC
#
_entry.id   4RKC
#
_cell.length_a   74.687
_cell.length_b   62.106
_cell.length_c   85.895
_cell.angle_alpha   90.00
_cell.angle_beta   102.91
_cell.angle_gamma   90.00
#
_symmetry.space_group_name_H-M   'P 1 21 1'
#
loop_
_entity.id
_entity.type
_entity.pdbx_description
1 polymer 'Aromatic amino acid aminotransferase'
2 non-polymer 'MAGNESIUM ION'
3 non-polymer 'NITRATE ION'
4 non-polymer "4'-DEOXY-4'-AMINOPYRIDOXAL-5'-PHOSPHATE"
5 water water
#
_entity_poly.entity_id   1
_entity_poly.type   'polypeptide(L)'
_entity_poly.pdbx_seq_one_letter_code
;MFERIDYYAGDPILGLVEKFAADNNPDKVNLGIGIYYDESGVMPVLDCVKIAEQRIADPISPRPYLPMAGLPGHRKGCQE
LLFGKDAPVLKDGLVATIATIGGSGALKVGAEFIHEWFPQSKCYVSDPTWGNHIAIFEGCDIEVGKYPYYDTATGGIKFD
EMIAFFETLNKDDVLLLHPCCHNPTGVDLTREQWDTVLNVIQERELIPFMDIAYQGFGEDMDSDAYAIRKAVDMGLPLFV
SNSFSKNLSLYGERVGGLSVVCPTVDETERVFGQLNSTVRRIYSSPPSHGGRVVDIVMNDAALHEQWVGEVYAMRDRIKS
MRTKLKSVLEAKISGRNFDYLTAQNGMFSFTGLTPEQVERLQSEFGIYMISNSRMCVAGLNSSNIDYVANAMVDVLKD
;
_entity_poly.pdbx_strand_id   A,B
#
# COMPACT_ATOMS: atom_id res chain seq x y z
N MET A 1 -4.68 -2.86 28.32
CA MET A 1 -5.57 -3.05 27.15
C MET A 1 -5.03 -4.06 26.13
N PHE A 2 -3.74 -4.09 25.91
CA PHE A 2 -3.16 -4.89 24.84
C PHE A 2 -2.16 -5.94 25.35
N GLU A 3 -2.32 -6.34 26.62
CA GLU A 3 -1.35 -7.20 27.24
C GLU A 3 -1.24 -8.54 26.58
N ARG A 4 -2.30 -9.00 25.92
CA ARG A 4 -2.27 -10.32 25.32
C ARG A 4 -1.72 -10.28 23.91
N ILE A 5 -1.51 -9.09 23.36
CA ILE A 5 -1.09 -8.99 21.97
C ILE A 5 0.34 -9.52 22.06
N ASP A 6 0.67 -10.59 21.34
CA ASP A 6 2.04 -11.13 21.28
C ASP A 6 3.00 -10.11 20.76
N TYR A 7 4.23 -10.19 21.27
CA TYR A 7 5.33 -9.50 20.62
C TYR A 7 5.39 -10.02 19.20
N TYR A 8 5.91 -9.20 18.28
CA TYR A 8 6.24 -9.67 16.97
C TYR A 8 7.73 -10.03 17.01
N ALA A 9 8.09 -11.27 16.66
CA ALA A 9 9.49 -11.71 16.76
C ALA A 9 10.37 -10.88 15.86
N GLY A 10 9.74 -10.22 14.89
CA GLY A 10 10.43 -9.46 13.90
C GLY A 10 10.53 -10.30 12.64
N ASP A 11 10.75 -9.57 11.54
CA ASP A 11 11.08 -10.21 10.29
C ASP A 11 12.49 -10.78 10.42
N PRO A 12 12.60 -12.13 10.24
CA PRO A 12 13.86 -12.91 10.20
C PRO A 12 15.02 -12.19 9.47
N ILE A 13 14.80 -11.90 8.18
CA ILE A 13 15.76 -11.21 7.27
C ILE A 13 16.19 -9.79 7.75
N LEU A 14 15.38 -9.19 8.64
CA LEU A 14 15.56 -7.81 9.09
C LEU A 14 16.22 -7.69 10.45
N GLY A 15 15.77 -8.50 11.40
CA GLY A 15 16.45 -8.57 12.70
C GLY A 15 17.90 -9.01 12.50
N LEU A 16 18.20 -9.54 11.31
CA LEU A 16 19.57 -9.91 10.93
C LEU A 16 20.46 -8.75 10.41
N VAL A 17 19.87 -7.89 9.57
CA VAL A 17 20.44 -6.57 9.24
C VAL A 17 20.66 -5.71 10.51
N GLU A 18 19.60 -5.58 11.31
CA GLU A 18 19.70 -5.05 12.66
C GLU A 18 21.03 -5.53 13.27
N LYS A 19 21.15 -6.86 13.50
CA LYS A 19 22.35 -7.44 14.12
CA LYS A 19 22.35 -7.40 14.15
C LYS A 19 23.65 -7.01 13.42
N PHE A 20 23.57 -6.83 12.10
CA PHE A 20 24.73 -6.46 11.25
C PHE A 20 25.27 -5.03 11.45
N ALA A 21 24.38 -4.04 11.51
CA ALA A 21 24.75 -2.66 11.87
C ALA A 21 25.51 -2.60 13.22
N ALA A 22 25.03 -3.33 14.22
CA ALA A 22 25.61 -3.37 15.58
C ALA A 22 27.02 -3.99 15.69
N ASP A 23 27.43 -4.83 14.74
CA ASP A 23 28.80 -5.37 14.77
C ASP A 23 29.81 -4.32 14.36
N ASN A 24 30.90 -4.25 15.10
CA ASN A 24 31.90 -3.29 14.75
C ASN A 24 33.17 -3.98 14.29
N ASN A 25 33.05 -5.19 13.74
CA ASN A 25 34.18 -5.78 13.03
C ASN A 25 34.39 -4.92 11.80
N PRO A 26 35.60 -4.33 11.66
CA PRO A 26 36.05 -3.66 10.45
C PRO A 26 35.63 -4.32 9.11
N ASP A 27 36.11 -5.53 8.81
CA ASP A 27 35.84 -6.11 7.50
C ASP A 27 34.46 -6.82 7.38
N LYS A 28 33.53 -6.56 8.29
CA LYS A 28 32.17 -7.14 8.25
C LYS A 28 31.49 -6.94 6.92
N VAL A 29 30.45 -7.76 6.66
CA VAL A 29 29.82 -7.89 5.31
C VAL A 29 28.42 -8.48 5.45
N ASN A 30 27.41 -7.73 4.99
CA ASN A 30 26.02 -8.19 4.86
C ASN A 30 25.75 -8.96 3.58
N LEU A 31 25.60 -10.27 3.70
CA LEU A 31 25.19 -11.15 2.59
C LEU A 31 23.81 -11.73 2.85
N GLY A 32 23.08 -11.05 3.72
CA GLY A 32 21.78 -11.51 4.21
C GLY A 32 20.57 -10.92 3.54
N ILE A 33 20.57 -9.63 3.24
CA ILE A 33 19.37 -9.07 2.57
C ILE A 33 19.40 -9.35 1.07
N GLY A 34 18.28 -9.15 0.40
CA GLY A 34 18.12 -9.53 -0.98
C GLY A 34 18.10 -8.25 -1.78
N ILE A 35 19.14 -7.44 -1.63
CA ILE A 35 19.21 -6.19 -2.31
C ILE A 35 20.41 -6.21 -3.27
N TYR A 36 20.25 -5.62 -4.46
CA TYR A 36 21.34 -5.54 -5.37
C TYR A 36 22.30 -4.38 -4.97
N TYR A 37 23.58 -4.72 -4.76
CA TYR A 37 24.64 -3.72 -4.66
C TYR A 37 25.60 -3.82 -5.86
N ASP A 38 26.25 -2.72 -6.26
CA ASP A 38 27.06 -2.78 -7.48
C ASP A 38 28.49 -3.20 -7.09
N GLU A 39 29.49 -2.94 -7.96
CA GLU A 39 30.88 -3.25 -7.68
CA GLU A 39 30.87 -3.29 -7.62
C GLU A 39 31.43 -2.50 -6.47
N SER A 40 30.91 -1.28 -6.23
CA SER A 40 31.43 -0.47 -5.12
C SER A 40 30.60 -0.76 -3.89
N GLY A 41 29.70 -1.73 -4.00
CA GLY A 41 28.85 -2.02 -2.84
C GLY A 41 27.71 -1.07 -2.47
N VAL A 42 27.23 -0.29 -3.40
CA VAL A 42 26.08 0.57 -3.10
C VAL A 42 24.90 0.21 -4.00
N MET A 43 23.71 0.53 -3.52
CA MET A 43 22.53 0.39 -4.33
C MET A 43 22.59 1.32 -5.57
N PRO A 44 22.60 0.75 -6.76
CA PRO A 44 22.54 1.75 -7.89
C PRO A 44 21.27 2.62 -7.97
N VAL A 45 21.43 3.83 -8.49
CA VAL A 45 20.32 4.58 -9.00
C VAL A 45 20.43 4.38 -10.50
N LEU A 46 19.45 3.70 -11.10
CA LEU A 46 19.55 3.43 -12.58
C LEU A 46 19.51 4.71 -13.39
N ASP A 47 20.24 4.77 -14.50
CA ASP A 47 20.26 5.99 -15.30
C ASP A 47 18.90 6.21 -15.87
N CYS A 48 18.21 5.15 -16.25
CA CYS A 48 16.90 5.32 -16.84
C CYS A 48 15.93 5.93 -15.80
N VAL A 49 16.08 5.49 -14.55
CA VAL A 49 15.16 5.87 -13.45
C VAL A 49 15.42 7.32 -13.16
N LYS A 50 16.71 7.65 -13.20
CA LYS A 50 17.21 9.00 -12.98
C LYS A 50 16.59 9.95 -13.99
N ILE A 51 16.61 9.62 -15.30
CA ILE A 51 15.94 10.44 -16.30
C ILE A 51 14.44 10.55 -16.04
N ALA A 52 13.81 9.42 -15.68
CA ALA A 52 12.35 9.35 -15.47
C ALA A 52 11.99 10.30 -14.34
N GLU A 53 12.81 10.31 -13.30
CA GLU A 53 12.54 11.14 -12.11
C GLU A 53 12.84 12.61 -12.38
N GLN A 54 13.86 12.89 -13.19
CA GLN A 54 14.01 14.26 -13.63
C GLN A 54 12.73 14.69 -14.34
N ARG A 55 12.19 13.87 -15.21
CA ARG A 55 10.91 14.22 -15.89
C ARG A 55 9.74 14.42 -14.90
N ILE A 56 9.67 13.56 -13.89
CA ILE A 56 8.59 13.65 -12.93
C ILE A 56 8.75 14.98 -12.14
N ALA A 57 10.00 15.34 -11.91
CA ALA A 57 10.41 16.51 -11.04
C ALA A 57 10.26 17.83 -11.79
N ASP A 58 9.91 17.78 -13.06
CA ASP A 58 9.86 19.00 -13.84
C ASP A 58 8.78 18.96 -14.92
N PRO A 59 7.62 19.58 -14.68
CA PRO A 59 7.28 20.33 -13.41
C PRO A 59 6.82 19.42 -12.28
N ILE A 60 6.90 19.86 -11.03
CA ILE A 60 6.13 19.18 -9.95
C ILE A 60 4.67 19.38 -10.32
N SER A 61 3.96 18.25 -10.41
CA SER A 61 2.63 18.21 -10.94
C SER A 61 1.60 17.98 -9.82
N PRO A 62 0.36 18.32 -10.13
CA PRO A 62 -0.64 17.93 -9.09
C PRO A 62 -0.66 16.41 -8.80
N ARG A 63 -1.10 16.00 -7.62
CA ARG A 63 -0.97 14.56 -7.28
C ARG A 63 -2.29 13.85 -7.04
N PRO A 64 -3.17 13.75 -8.06
CA PRO A 64 -4.48 13.14 -7.86
C PRO A 64 -4.28 11.64 -7.61
N TYR A 65 -5.32 10.95 -7.12
CA TYR A 65 -5.19 9.54 -6.97
C TYR A 65 -4.95 8.95 -8.27
N LEU A 66 -4.11 7.92 -8.31
CA LEU A 66 -4.12 7.05 -9.51
C LEU A 66 -5.43 6.29 -9.60
N PRO A 67 -5.74 5.73 -10.78
CA PRO A 67 -6.75 4.71 -10.84
C PRO A 67 -6.46 3.56 -9.79
N MET A 68 -7.50 2.96 -9.29
CA MET A 68 -7.26 1.77 -8.44
C MET A 68 -6.24 0.79 -9.05
N ALA A 69 -6.27 0.58 -10.37
CA ALA A 69 -5.44 -0.42 -11.07
C ALA A 69 -4.05 0.18 -11.30
N GLY A 70 -3.85 1.42 -10.84
CA GLY A 70 -2.60 2.09 -11.23
C GLY A 70 -2.67 2.71 -12.65
N LEU A 71 -1.57 3.27 -13.07
CA LEU A 71 -1.39 3.86 -14.37
C LEU A 71 -1.51 2.84 -15.45
N PRO A 72 -2.30 3.17 -16.50
CA PRO A 72 -2.41 2.33 -17.66
C PRO A 72 -1.02 1.90 -18.17
N GLY A 73 -0.07 2.81 -18.23
CA GLY A 73 1.23 2.49 -18.84
C GLY A 73 2.10 1.67 -17.90
N HIS A 74 1.87 1.81 -16.61
CA HIS A 74 2.49 0.92 -15.66
C HIS A 74 1.98 -0.48 -15.91
N ARG A 75 0.68 -0.63 -16.05
CA ARG A 75 0.10 -1.99 -16.16
C ARG A 75 0.53 -2.57 -17.53
N LYS A 76 0.45 -1.75 -18.58
CA LYS A 76 0.98 -2.17 -19.89
C LYS A 76 2.48 -2.60 -19.88
N GLY A 77 3.35 -1.85 -19.18
CA GLY A 77 4.74 -2.20 -19.07
C GLY A 77 4.93 -3.51 -18.29
N CYS A 78 4.13 -3.73 -17.23
CA CYS A 78 4.20 -5.05 -16.57
C CYS A 78 3.83 -6.14 -17.59
N GLN A 79 2.71 -5.98 -18.27
CA GLN A 79 2.23 -7.03 -19.22
C GLN A 79 3.23 -7.41 -20.33
N GLU A 80 3.84 -6.39 -20.91
CA GLU A 80 4.75 -6.55 -22.03
C GLU A 80 6.04 -7.20 -21.63
N LEU A 81 6.54 -6.79 -20.48
CA LEU A 81 7.73 -7.34 -19.95
C LEU A 81 7.47 -8.83 -19.69
N LEU A 82 6.32 -9.13 -19.12
CA LEU A 82 6.05 -10.51 -18.68
C LEU A 82 5.67 -11.44 -19.84
N PHE A 83 4.78 -10.95 -20.69
CA PHE A 83 4.10 -11.80 -21.65
C PHE A 83 4.75 -11.62 -23.04
N GLY A 84 5.52 -10.54 -23.19
CA GLY A 84 6.14 -10.14 -24.47
C GLY A 84 5.39 -8.98 -25.10
N LYS A 85 6.11 -8.02 -25.66
CA LYS A 85 5.52 -6.91 -26.37
C LYS A 85 4.57 -7.43 -27.39
N ASP A 86 3.37 -6.88 -27.46
CA ASP A 86 2.39 -7.32 -28.46
C ASP A 86 2.10 -8.86 -28.45
N ALA A 87 2.33 -9.54 -27.33
CA ALA A 87 1.92 -10.95 -27.27
C ALA A 87 0.40 -11.07 -27.60
N PRO A 88 0.00 -12.15 -28.28
CA PRO A 88 -1.40 -12.47 -28.57
C PRO A 88 -2.31 -12.32 -27.34
N VAL A 89 -1.87 -12.85 -26.20
CA VAL A 89 -2.76 -12.83 -25.01
C VAL A 89 -3.11 -11.38 -24.64
N LEU A 90 -2.22 -10.47 -24.93
CA LEU A 90 -2.48 -9.05 -24.71
C LEU A 90 -3.30 -8.41 -25.83
N LYS A 91 -2.95 -8.71 -27.09
CA LYS A 91 -3.83 -8.27 -28.21
C LYS A 91 -5.27 -8.74 -28.00
N ASP A 92 -5.43 -9.94 -27.43
CA ASP A 92 -6.76 -10.51 -27.22
C ASP A 92 -7.46 -9.97 -25.99
N GLY A 93 -6.78 -9.17 -25.17
CA GLY A 93 -7.40 -8.61 -24.00
C GLY A 93 -7.69 -9.71 -22.99
N LEU A 94 -6.73 -10.60 -22.80
CA LEU A 94 -6.97 -11.78 -21.97
C LEU A 94 -6.22 -11.74 -20.66
N VAL A 95 -5.67 -10.58 -20.24
CA VAL A 95 -4.93 -10.49 -18.97
C VAL A 95 -5.52 -9.31 -18.23
N ALA A 96 -5.99 -9.54 -17.00
CA ALA A 96 -6.38 -8.44 -16.13
C ALA A 96 -5.12 -8.06 -15.34
N THR A 97 -4.67 -6.79 -15.38
CA THR A 97 -3.42 -6.41 -14.76
C THR A 97 -3.69 -5.17 -13.92
N ILE A 98 -3.22 -5.15 -12.65
CA ILE A 98 -3.13 -3.91 -11.88
C ILE A 98 -1.67 -3.60 -11.49
N ALA A 99 -1.36 -2.31 -11.30
CA ALA A 99 -0.15 -1.94 -10.57
C ALA A 99 -0.34 -2.34 -9.12
N THR A 100 0.76 -2.70 -8.44
CA THR A 100 0.55 -3.16 -7.04
C THR A 100 1.65 -2.55 -6.21
N ILE A 101 1.52 -2.65 -4.87
CA ILE A 101 2.52 -2.08 -3.93
C ILE A 101 3.67 -3.09 -3.82
N GLY A 102 4.55 -3.06 -4.79
CA GLY A 102 5.60 -4.09 -4.89
C GLY A 102 5.07 -5.44 -5.38
N GLY A 103 5.97 -6.42 -5.44
CA GLY A 103 5.56 -7.76 -5.72
C GLY A 103 4.80 -8.21 -4.47
N SER A 104 5.16 -7.66 -3.34
CA SER A 104 4.46 -8.04 -2.11
C SER A 104 2.97 -7.73 -2.19
N GLY A 105 2.58 -6.49 -2.58
CA GLY A 105 1.16 -6.22 -2.73
C GLY A 105 0.44 -7.01 -3.79
N ALA A 106 1.11 -7.42 -4.89
CA ALA A 106 0.58 -8.33 -5.94
C ALA A 106 0.20 -9.70 -5.36
N LEU A 107 1.12 -10.33 -4.62
CA LEU A 107 0.82 -11.60 -3.91
C LEU A 107 -0.37 -11.36 -2.99
N LYS A 108 -0.37 -10.22 -2.28
CA LYS A 108 -1.45 -10.01 -1.37
C LYS A 108 -2.78 -9.86 -2.12
N VAL A 109 -2.81 -9.03 -3.17
CA VAL A 109 -4.11 -8.82 -3.80
C VAL A 109 -4.52 -10.14 -4.44
N GLY A 110 -3.56 -10.86 -5.03
CA GLY A 110 -3.87 -12.17 -5.68
C GLY A 110 -4.38 -13.17 -4.61
N ALA A 111 -3.74 -13.23 -3.47
CA ALA A 111 -4.15 -14.18 -2.42
C ALA A 111 -5.54 -13.80 -1.95
N GLU A 112 -5.81 -12.49 -1.75
CA GLU A 112 -7.17 -12.07 -1.24
C GLU A 112 -8.21 -12.47 -2.32
N PHE A 113 -7.87 -12.26 -3.59
CA PHE A 113 -8.83 -12.60 -4.67
C PHE A 113 -9.07 -14.11 -4.64
N ILE A 114 -7.98 -14.88 -4.54
CA ILE A 114 -8.13 -16.32 -4.51
C ILE A 114 -8.93 -16.76 -3.28
N HIS A 115 -8.59 -16.19 -2.13
CA HIS A 115 -9.31 -16.54 -0.89
C HIS A 115 -10.78 -16.29 -1.03
N GLU A 116 -11.16 -15.16 -1.63
CA GLU A 116 -12.56 -14.82 -1.76
C GLU A 116 -13.33 -15.68 -2.76
N TRP A 117 -12.72 -15.88 -3.95
CA TRP A 117 -13.42 -16.55 -5.04
C TRP A 117 -13.18 -18.05 -5.16
N PHE A 118 -12.03 -18.52 -4.66
CA PHE A 118 -11.73 -19.92 -4.55
C PHE A 118 -11.45 -20.29 -3.07
N PRO A 119 -12.47 -20.17 -2.19
CA PRO A 119 -12.19 -20.22 -0.75
C PRO A 119 -11.66 -21.57 -0.31
N GLN A 120 -11.88 -22.58 -1.14
CA GLN A 120 -11.41 -23.90 -0.80
C GLN A 120 -10.00 -24.17 -1.35
N SER A 121 -9.41 -23.28 -2.15
CA SER A 121 -8.11 -23.57 -2.69
C SER A 121 -7.10 -23.48 -1.54
N LYS A 122 -6.16 -24.42 -1.52
CA LYS A 122 -5.02 -24.34 -0.63
C LYS A 122 -3.82 -23.80 -1.40
N CYS A 123 -2.88 -23.15 -0.73
CA CYS A 123 -1.71 -22.70 -1.52
C CYS A 123 -0.48 -23.47 -1.11
N TYR A 124 0.35 -23.82 -2.07
CA TYR A 124 1.60 -24.48 -1.74
C TYR A 124 2.75 -23.73 -2.24
N VAL A 125 3.78 -23.60 -1.39
CA VAL A 125 4.97 -22.79 -1.71
C VAL A 125 6.14 -23.75 -1.83
N SER A 126 7.23 -23.31 -2.46
CA SER A 126 8.36 -24.22 -2.56
C SER A 126 8.96 -24.48 -1.15
N ASP A 127 9.54 -25.66 -0.98
CA ASP A 127 10.30 -25.94 0.20
C ASP A 127 11.77 -25.94 -0.16
N PRO A 128 12.51 -24.87 0.23
CA PRO A 128 12.05 -23.69 0.95
C PRO A 128 11.59 -22.54 0.05
N THR A 129 11.10 -21.44 0.65
CA THR A 129 10.75 -20.26 -0.11
C THR A 129 11.10 -18.99 0.68
N TRP A 130 10.94 -17.83 0.04
CA TRP A 130 10.95 -16.50 0.65
C TRP A 130 9.89 -16.48 1.75
N GLY A 131 10.32 -16.24 3.00
CA GLY A 131 9.38 -16.43 4.15
C GLY A 131 8.05 -15.71 4.00
N ASN A 132 8.15 -14.47 3.50
CA ASN A 132 6.95 -13.68 3.16
C ASN A 132 5.80 -14.24 2.26
N HIS A 133 6.07 -15.02 1.24
CA HIS A 133 5.04 -15.77 0.60
C HIS A 133 4.05 -16.42 1.64
N ILE A 134 4.59 -17.13 2.59
CA ILE A 134 3.74 -17.85 3.50
C ILE A 134 2.89 -16.87 4.27
N ALA A 135 3.52 -15.83 4.82
CA ALA A 135 2.75 -14.94 5.74
C ALA A 135 1.69 -14.17 4.97
N ILE A 136 2.02 -13.80 3.75
CA ILE A 136 1.04 -13.10 2.92
C ILE A 136 -0.15 -14.02 2.66
N PHE A 137 0.09 -15.25 2.17
CA PHE A 137 -1.03 -16.12 1.90
C PHE A 137 -1.78 -16.43 3.16
N GLU A 138 -1.06 -16.76 4.24
CA GLU A 138 -1.78 -17.15 5.45
C GLU A 138 -2.53 -15.93 6.05
N GLY A 139 -1.95 -14.75 5.90
CA GLY A 139 -2.59 -13.51 6.29
C GLY A 139 -3.92 -13.28 5.59
N CYS A 140 -4.23 -14.07 4.56
CA CYS A 140 -5.53 -14.04 3.87
C CYS A 140 -6.51 -15.12 4.38
N ASP A 141 -6.02 -15.98 5.27
CA ASP A 141 -6.71 -17.15 5.78
C ASP A 141 -6.67 -18.22 4.80
N ILE A 142 -5.63 -18.19 3.96
CA ILE A 142 -5.53 -19.24 3.02
C ILE A 142 -4.68 -20.31 3.69
N GLU A 143 -5.07 -21.56 3.56
CA GLU A 143 -4.29 -22.64 4.11
C GLU A 143 -3.02 -22.86 3.27
N VAL A 144 -1.83 -22.90 3.88
CA VAL A 144 -0.60 -22.93 3.09
C VAL A 144 0.25 -24.16 3.41
N GLY A 145 0.72 -24.87 2.37
CA GLY A 145 1.63 -26.04 2.66
C GLY A 145 2.81 -25.83 1.74
N LYS A 146 3.67 -26.81 1.66
CA LYS A 146 4.96 -26.67 0.94
C LYS A 146 4.96 -27.78 -0.09
N TYR A 147 5.48 -27.55 -1.30
CA TYR A 147 5.76 -28.68 -2.19
C TYR A 147 7.22 -28.96 -2.10
N PRO A 148 7.64 -30.24 -2.31
CA PRO A 148 9.09 -30.60 -2.37
C PRO A 148 9.89 -29.89 -3.44
N TYR A 149 10.91 -29.15 -3.08
CA TYR A 149 11.67 -28.56 -4.12
C TYR A 149 13.19 -28.82 -3.98
N TYR A 150 13.86 -28.04 -3.16
CA TYR A 150 15.28 -28.21 -2.96
C TYR A 150 15.62 -29.54 -2.23
N ASP A 151 16.68 -30.18 -2.75
CA ASP A 151 17.25 -31.42 -2.23
C ASP A 151 18.52 -31.04 -1.48
N THR A 152 18.43 -30.96 -0.17
CA THR A 152 19.61 -30.61 0.57
C THR A 152 20.80 -31.47 0.23
N ALA A 153 20.57 -32.77 0.13
CA ALA A 153 21.62 -33.72 -0.12
C ALA A 153 22.30 -33.56 -1.48
N THR A 154 21.58 -33.23 -2.54
CA THR A 154 22.26 -33.01 -3.83
C THR A 154 22.45 -31.52 -4.23
N GLY A 155 21.75 -30.61 -3.58
CA GLY A 155 21.71 -29.22 -3.97
C GLY A 155 20.89 -28.96 -5.23
N GLY A 156 20.27 -30.00 -5.77
CA GLY A 156 19.39 -29.89 -6.97
C GLY A 156 17.92 -29.84 -6.56
N ILE A 157 17.03 -30.30 -7.43
CA ILE A 157 15.62 -30.34 -7.13
C ILE A 157 15.10 -31.74 -6.91
N LYS A 158 14.13 -31.92 -6.00
CA LYS A 158 13.42 -33.19 -5.79
C LYS A 158 12.34 -33.30 -6.83
N PHE A 159 12.78 -33.40 -8.08
CA PHE A 159 11.87 -33.19 -9.16
C PHE A 159 10.75 -34.21 -9.16
N ASP A 160 11.11 -35.47 -8.97
CA ASP A 160 10.10 -36.53 -9.04
C ASP A 160 9.14 -36.38 -7.88
N GLU A 161 9.70 -36.10 -6.70
CA GLU A 161 8.86 -35.92 -5.53
C GLU A 161 7.93 -34.80 -5.74
N MET A 162 8.49 -33.71 -6.26
CA MET A 162 7.69 -32.49 -6.46
C MET A 162 6.47 -32.78 -7.37
N ILE A 163 6.74 -33.31 -8.58
CA ILE A 163 5.70 -33.67 -9.50
C ILE A 163 4.69 -34.63 -8.89
N ALA A 164 5.18 -35.58 -8.08
CA ALA A 164 4.35 -36.60 -7.48
C ALA A 164 3.43 -35.89 -6.53
N PHE A 165 3.95 -34.84 -5.87
CA PHE A 165 3.16 -34.15 -4.89
C PHE A 165 2.11 -33.32 -5.60
N PHE A 166 2.50 -32.67 -6.70
CA PHE A 166 1.57 -31.93 -7.50
C PHE A 166 0.45 -32.84 -7.87
N GLU A 167 0.73 -34.12 -8.12
CA GLU A 167 -0.35 -35.01 -8.62
C GLU A 167 -1.39 -35.30 -7.51
N THR A 168 -1.06 -34.98 -6.27
CA THR A 168 -2.06 -35.21 -5.24
C THR A 168 -2.98 -34.05 -5.02
N LEU A 169 -2.76 -32.91 -5.68
CA LEU A 169 -3.45 -31.68 -5.33
C LEU A 169 -4.80 -31.62 -5.98
N ASN A 170 -5.70 -30.84 -5.42
CA ASN A 170 -7.06 -30.70 -5.97
C ASN A 170 -7.15 -29.61 -7.03
N LYS A 171 -8.26 -29.65 -7.75
CA LYS A 171 -8.48 -28.71 -8.80
C LYS A 171 -8.53 -27.36 -8.13
N ASP A 172 -7.89 -26.39 -8.78
CA ASP A 172 -7.75 -24.99 -8.34
C ASP A 172 -6.89 -24.78 -7.07
N ASP A 173 -6.24 -25.83 -6.59
CA ASP A 173 -5.22 -25.61 -5.56
C ASP A 173 -4.16 -24.75 -6.25
N VAL A 174 -3.57 -23.86 -5.47
CA VAL A 174 -2.64 -22.88 -6.04
C VAL A 174 -1.18 -23.34 -5.85
N LEU A 175 -0.33 -23.21 -6.84
CA LEU A 175 1.05 -23.43 -6.62
C LEU A 175 1.77 -22.11 -6.80
N LEU A 176 2.56 -21.75 -5.77
CA LEU A 176 3.20 -20.45 -5.78
C LEU A 176 4.63 -20.74 -6.31
N LEU A 177 4.90 -20.26 -7.51
CA LEU A 177 6.08 -20.75 -8.25
C LEU A 177 7.04 -19.61 -8.57
N HIS A 178 8.34 -19.94 -8.62
CA HIS A 178 9.33 -18.99 -8.98
C HIS A 178 9.78 -19.27 -10.40
N PRO A 179 9.41 -18.40 -11.37
CA PRO A 179 9.78 -18.65 -12.77
C PRO A 179 11.29 -18.82 -12.98
N CYS A 180 12.10 -18.06 -12.24
CA CYS A 180 13.54 -18.17 -12.31
C CYS A 180 14.09 -17.60 -10.97
N CYS A 181 15.41 -17.66 -10.78
CA CYS A 181 16.09 -16.91 -9.70
C CYS A 181 15.44 -17.32 -8.36
N HIS A 182 15.30 -18.62 -8.14
CA HIS A 182 14.69 -19.08 -6.95
C HIS A 182 15.21 -18.38 -5.71
N ASN A 183 14.27 -18.03 -4.85
CA ASN A 183 14.57 -17.50 -3.56
C ASN A 183 13.94 -18.38 -2.48
N PRO A 184 14.76 -19.02 -1.65
CA PRO A 184 16.12 -18.65 -1.39
C PRO A 184 17.32 -19.43 -2.03
N THR A 185 17.11 -20.47 -2.82
CA THR A 185 18.15 -21.36 -3.11
C THR A 185 18.95 -21.02 -4.36
N GLY A 186 18.40 -20.21 -5.23
CA GLY A 186 19.06 -20.01 -6.54
C GLY A 186 18.95 -21.20 -7.49
N VAL A 187 18.24 -22.26 -7.08
CA VAL A 187 18.25 -23.51 -7.88
C VAL A 187 16.95 -23.46 -8.73
N ASP A 188 17.07 -23.47 -10.04
CA ASP A 188 15.93 -23.19 -10.87
C ASP A 188 15.61 -24.45 -11.68
N LEU A 189 14.37 -24.56 -12.15
CA LEU A 189 13.93 -25.63 -13.04
C LEU A 189 14.51 -25.34 -14.40
N THR A 190 14.73 -26.36 -15.22
CA THR A 190 15.15 -26.17 -16.61
C THR A 190 13.86 -25.99 -17.39
N ARG A 191 13.93 -25.54 -18.66
CA ARG A 191 12.75 -25.47 -19.51
C ARG A 191 11.98 -26.75 -19.51
N GLU A 192 12.72 -27.88 -19.55
CA GLU A 192 12.08 -29.18 -19.72
C GLU A 192 11.34 -29.50 -18.49
N GLN A 193 11.94 -29.24 -17.34
CA GLN A 193 11.20 -29.33 -16.07
C GLN A 193 10.00 -28.49 -16.01
N TRP A 194 10.12 -27.28 -16.56
CA TRP A 194 8.95 -26.41 -16.61
C TRP A 194 7.86 -27.00 -17.43
N ASP A 195 8.19 -27.49 -18.62
CA ASP A 195 7.15 -28.06 -19.46
C ASP A 195 6.45 -29.19 -18.68
N THR A 196 7.25 -30.02 -18.04
CA THR A 196 6.70 -31.14 -17.24
C THR A 196 5.77 -30.61 -16.14
N VAL A 197 6.29 -29.65 -15.38
CA VAL A 197 5.51 -29.03 -14.31
C VAL A 197 4.20 -28.46 -14.83
N LEU A 198 4.29 -27.79 -15.99
CA LEU A 198 3.12 -27.12 -16.49
C LEU A 198 2.14 -28.13 -17.04
N ASN A 199 2.67 -29.24 -17.57
CA ASN A 199 1.76 -30.32 -18.00
C ASN A 199 0.96 -30.88 -16.85
N VAL A 200 1.60 -31.03 -15.68
CA VAL A 200 0.96 -31.58 -14.47
C VAL A 200 -0.01 -30.55 -14.03
N ILE A 201 0.43 -29.28 -14.02
CA ILE A 201 -0.44 -28.23 -13.60
C ILE A 201 -1.69 -28.23 -14.52
N GLN A 202 -1.52 -28.33 -15.84
CA GLN A 202 -2.70 -28.36 -16.72
C GLN A 202 -3.57 -29.61 -16.45
N GLU A 203 -2.91 -30.77 -16.37
CA GLU A 203 -3.59 -32.00 -16.13
C GLU A 203 -4.39 -32.00 -14.78
N ARG A 204 -3.80 -31.48 -13.70
CA ARG A 204 -4.48 -31.48 -12.39
C ARG A 204 -5.40 -30.24 -12.25
N GLU A 205 -5.33 -29.37 -13.26
CA GLU A 205 -6.01 -28.10 -13.26
C GLU A 205 -5.73 -27.28 -11.98
N LEU A 206 -4.46 -27.05 -11.70
CA LEU A 206 -4.09 -26.24 -10.56
C LEU A 206 -3.97 -24.82 -10.97
N ILE A 207 -3.95 -23.94 -9.98
CA ILE A 207 -3.68 -22.56 -10.36
C ILE A 207 -2.17 -22.23 -10.28
N PRO A 208 -1.50 -22.03 -11.42
CA PRO A 208 -0.11 -21.59 -11.23
C PRO A 208 -0.05 -20.10 -10.84
N PHE A 209 0.72 -19.76 -9.81
CA PHE A 209 0.79 -18.38 -9.32
C PHE A 209 2.31 -18.11 -9.36
N MET A 210 2.77 -17.51 -10.45
CA MET A 210 4.17 -17.28 -10.64
C MET A 210 4.51 -15.95 -9.95
N ASP A 211 5.59 -15.94 -9.21
CA ASP A 211 6.01 -14.74 -8.56
C ASP A 211 7.37 -14.40 -9.13
N ILE A 212 7.51 -13.26 -9.84
CA ILE A 212 8.78 -12.96 -10.49
C ILE A 212 9.31 -11.63 -9.98
N ALA A 213 10.38 -11.67 -9.19
CA ALA A 213 10.93 -10.47 -8.61
C ALA A 213 12.29 -10.23 -9.15
N TYR A 214 12.84 -11.14 -9.95
CA TYR A 214 14.18 -10.97 -10.47
C TYR A 214 14.31 -11.10 -11.99
N GLN A 215 13.27 -10.74 -12.76
CA GLN A 215 13.29 -10.96 -14.23
C GLN A 215 14.51 -10.18 -14.76
N GLY A 216 15.37 -10.82 -15.55
CA GLY A 216 16.55 -10.14 -16.14
C GLY A 216 17.78 -10.49 -15.36
N PHE A 217 17.61 -11.00 -14.15
CA PHE A 217 18.80 -11.48 -13.36
C PHE A 217 19.18 -12.93 -13.59
N GLY A 218 18.28 -13.72 -14.20
CA GLY A 218 18.57 -15.15 -14.46
C GLY A 218 19.39 -15.32 -15.75
N GLU A 219 18.72 -15.38 -16.88
CA GLU A 219 19.37 -15.48 -18.19
C GLU A 219 19.25 -14.21 -18.99
N ASP A 220 18.02 -13.80 -19.27
CA ASP A 220 17.70 -12.52 -19.91
C ASP A 220 16.20 -12.35 -19.68
N MET A 221 15.62 -11.22 -20.04
CA MET A 221 14.18 -10.91 -19.81
C MET A 221 13.18 -11.91 -20.36
N ASP A 222 13.37 -12.35 -21.60
CA ASP A 222 12.47 -13.31 -22.19
C ASP A 222 12.65 -14.69 -21.60
N SER A 223 13.92 -15.19 -21.53
CA SER A 223 14.17 -16.54 -20.98
C SER A 223 13.64 -16.68 -19.55
N ASP A 224 13.83 -15.66 -18.78
CA ASP A 224 13.39 -15.64 -17.37
C ASP A 224 11.88 -15.73 -17.28
N ALA A 225 11.20 -15.14 -18.27
CA ALA A 225 9.75 -15.30 -18.38
C ALA A 225 9.30 -16.60 -19.11
N TYR A 226 10.17 -17.56 -19.36
CA TYR A 226 9.77 -18.77 -20.11
C TYR A 226 8.55 -19.45 -19.48
N ALA A 227 8.56 -19.58 -18.16
CA ALA A 227 7.56 -20.47 -17.52
C ALA A 227 6.18 -19.77 -17.62
N ILE A 228 6.19 -18.44 -17.59
CA ILE A 228 4.99 -17.59 -17.74
C ILE A 228 4.45 -17.66 -19.16
N ARG A 229 5.33 -17.51 -20.13
CA ARG A 229 4.85 -17.44 -21.45
C ARG A 229 4.40 -18.82 -21.91
N LYS A 230 5.04 -19.85 -21.40
CA LYS A 230 4.62 -21.17 -21.76
C LYS A 230 3.28 -21.58 -21.09
N ALA A 231 3.09 -21.28 -19.79
CA ALA A 231 1.74 -21.36 -19.12
C ALA A 231 0.66 -20.63 -19.92
N VAL A 232 0.97 -19.40 -20.40
CA VAL A 232 0.08 -18.67 -21.30
C VAL A 232 -0.28 -19.51 -22.51
N ASP A 233 0.72 -20.05 -23.24
CA ASP A 233 0.45 -20.86 -24.43
C ASP A 233 -0.40 -22.07 -24.16
N MET A 234 -0.18 -22.67 -23.00
CA MET A 234 -0.94 -23.83 -22.55
C MET A 234 -2.35 -23.52 -22.03
N GLY A 235 -2.82 -22.24 -22.11
CA GLY A 235 -4.16 -21.84 -21.63
C GLY A 235 -4.33 -22.01 -20.14
N LEU A 236 -3.24 -21.92 -19.36
CA LEU A 236 -3.38 -22.08 -17.90
C LEU A 236 -3.94 -20.83 -17.24
N PRO A 237 -4.61 -20.97 -16.04
CA PRO A 237 -5.25 -19.79 -15.38
C PRO A 237 -4.15 -19.12 -14.51
N LEU A 238 -3.18 -18.52 -15.19
CA LEU A 238 -1.89 -18.15 -14.59
C LEU A 238 -2.11 -16.86 -13.84
N PHE A 239 -1.66 -16.82 -12.57
CA PHE A 239 -1.60 -15.52 -11.88
C PHE A 239 -0.12 -15.18 -11.95
N VAL A 240 0.25 -13.91 -12.20
CA VAL A 240 1.65 -13.49 -12.16
C VAL A 240 1.81 -12.31 -11.25
N SER A 241 2.64 -12.42 -10.21
CA SER A 241 2.89 -11.17 -9.39
C SER A 241 4.32 -10.81 -9.88
N ASN A 242 4.55 -9.56 -10.25
CA ASN A 242 5.87 -9.17 -10.64
C ASN A 242 6.30 -7.94 -9.83
N SER A 243 7.57 -7.91 -9.52
CA SER A 243 8.17 -6.83 -8.79
C SER A 243 9.21 -6.10 -9.63
N PHE A 244 9.18 -4.76 -9.55
CA PHE A 244 10.27 -3.99 -10.07
C PHE A 244 11.29 -3.52 -9.05
N SER A 245 11.24 -4.05 -7.83
CA SER A 245 12.07 -3.60 -6.72
C SER A 245 13.55 -3.69 -7.02
N LYS A 246 13.99 -4.86 -7.55
CA LYS A 246 15.33 -5.21 -7.83
C LYS A 246 15.70 -4.76 -9.22
N ASN A 247 14.95 -5.12 -10.24
CA ASN A 247 15.43 -4.78 -11.57
C ASN A 247 15.21 -3.32 -11.90
N LEU A 248 14.43 -2.60 -11.11
CA LEU A 248 14.47 -1.18 -11.30
C LEU A 248 15.25 -0.49 -10.21
N SER A 249 15.78 -1.25 -9.26
CA SER A 249 16.46 -0.66 -8.08
C SER A 249 15.61 0.36 -7.33
N LEU A 250 14.36 -0.02 -7.11
CA LEU A 250 13.38 0.93 -6.69
C LEU A 250 12.49 0.31 -5.59
N TYR A 251 13.14 -0.49 -4.76
CA TYR A 251 12.58 -1.14 -3.58
C TYR A 251 11.56 -0.22 -2.87
N GLY A 252 12.00 0.99 -2.54
CA GLY A 252 11.25 1.82 -1.64
C GLY A 252 10.02 2.41 -2.27
N GLU A 253 10.01 2.49 -3.61
CA GLU A 253 8.85 3.09 -4.25
C GLU A 253 7.67 2.12 -4.27
N ARG A 254 7.92 0.82 -4.06
CA ARG A 254 6.79 -0.16 -4.05
C ARG A 254 6.10 -0.29 -5.42
N VAL A 255 6.80 -0.83 -6.41
CA VAL A 255 6.27 -0.94 -7.74
C VAL A 255 6.27 -2.37 -8.21
N GLY A 256 5.09 -2.95 -8.48
CA GLY A 256 5.01 -4.29 -9.06
C GLY A 256 3.72 -4.38 -9.81
N GLY A 257 3.31 -5.58 -10.21
CA GLY A 257 2.07 -5.76 -10.90
C GLY A 257 1.53 -7.09 -10.51
N LEU A 258 0.24 -7.26 -10.72
CA LEU A 258 -0.46 -8.51 -10.60
C LEU A 258 -1.23 -8.68 -11.90
N SER A 259 -1.06 -9.83 -12.57
CA SER A 259 -1.71 -10.10 -13.81
C SER A 259 -2.39 -11.48 -13.66
N VAL A 260 -3.60 -11.56 -14.21
CA VAL A 260 -4.34 -12.79 -14.21
C VAL A 260 -4.73 -13.04 -15.65
N VAL A 261 -4.31 -14.17 -16.23
CA VAL A 261 -4.53 -14.53 -17.60
C VAL A 261 -5.84 -15.30 -17.64
N CYS A 262 -6.80 -14.80 -18.45
CA CYS A 262 -8.23 -15.27 -18.55
C CYS A 262 -8.52 -15.89 -19.84
N PRO A 263 -9.40 -16.96 -19.83
CA PRO A 263 -9.69 -17.68 -21.10
C PRO A 263 -10.47 -16.77 -22.08
N THR A 264 -11.32 -15.93 -21.54
CA THR A 264 -12.26 -15.08 -22.35
C THR A 264 -12.21 -13.61 -21.83
N VAL A 265 -12.52 -12.66 -22.71
CA VAL A 265 -12.58 -11.26 -22.42
C VAL A 265 -13.59 -10.94 -21.30
N ASP A 266 -14.67 -11.65 -21.23
CA ASP A 266 -15.68 -11.41 -20.16
C ASP A 266 -15.08 -11.74 -18.75
N GLU A 267 -14.35 -12.84 -18.68
CA GLU A 267 -13.66 -13.28 -17.49
C GLU A 267 -12.55 -12.25 -17.18
N THR A 268 -11.87 -11.72 -18.18
CA THR A 268 -10.90 -10.64 -17.86
C THR A 268 -11.64 -9.53 -17.20
N GLU A 269 -12.80 -9.21 -17.75
CA GLU A 269 -13.58 -8.11 -17.22
C GLU A 269 -13.97 -8.32 -15.73
N ARG A 270 -14.47 -9.52 -15.43
CA ARG A 270 -14.89 -9.87 -14.09
C ARG A 270 -13.65 -9.87 -13.14
N VAL A 271 -12.58 -10.57 -13.54
CA VAL A 271 -11.38 -10.61 -12.74
C VAL A 271 -10.81 -9.23 -12.54
N PHE A 272 -10.66 -8.47 -13.61
CA PHE A 272 -10.14 -7.13 -13.44
C PHE A 272 -11.01 -6.29 -12.47
N GLY A 273 -12.35 -6.37 -12.63
CA GLY A 273 -13.22 -5.61 -11.77
C GLY A 273 -12.94 -5.90 -10.31
N GLN A 274 -12.80 -7.17 -9.96
CA GLN A 274 -12.68 -7.60 -8.59
C GLN A 274 -11.33 -7.31 -8.07
N LEU A 275 -10.31 -7.38 -8.93
CA LEU A 275 -8.98 -6.88 -8.58
C LEU A 275 -9.06 -5.43 -8.11
N ASN A 276 -9.78 -4.61 -8.85
CA ASN A 276 -9.94 -3.20 -8.45
C ASN A 276 -10.70 -3.12 -7.12
N SER A 277 -11.72 -3.94 -6.99
CA SER A 277 -12.46 -3.88 -5.76
C SER A 277 -11.59 -4.31 -4.57
N THR A 278 -10.74 -5.30 -4.80
CA THR A 278 -9.83 -5.79 -3.74
C THR A 278 -8.80 -4.71 -3.43
N VAL A 279 -8.20 -4.10 -4.46
CA VAL A 279 -7.40 -2.89 -4.17
C VAL A 279 -8.16 -1.87 -3.29
N ARG A 280 -9.39 -1.53 -3.67
CA ARG A 280 -10.13 -0.47 -3.01
C ARG A 280 -10.23 -0.67 -1.53
N ARG A 281 -10.43 -1.94 -1.13
CA ARG A 281 -10.77 -2.19 0.28
C ARG A 281 -9.49 -2.35 1.10
N ILE A 282 -8.34 -2.27 0.44
CA ILE A 282 -7.06 -2.43 1.07
C ILE A 282 -6.35 -1.07 1.20
N TYR A 283 -6.03 -0.41 0.09
CA TYR A 283 -5.26 0.81 0.22
C TYR A 283 -5.74 1.90 -0.72
N SER A 284 -6.87 1.60 -1.35
CA SER A 284 -7.60 2.44 -2.25
C SER A 284 -6.95 2.62 -3.69
N SER A 285 -5.70 3.01 -3.78
CA SER A 285 -4.98 3.06 -5.06
C SER A 285 -3.50 3.16 -4.74
N PRO A 286 -2.68 2.88 -5.74
CA PRO A 286 -1.25 2.74 -5.50
C PRO A 286 -0.48 4.05 -5.69
N PRO A 287 0.81 4.08 -5.29
CA PRO A 287 1.60 5.34 -5.30
C PRO A 287 1.97 5.85 -6.65
N SER A 288 1.69 7.12 -6.85
CA SER A 288 1.94 7.84 -8.09
C SER A 288 3.42 7.83 -8.42
N HIS A 289 4.27 8.04 -7.42
CA HIS A 289 5.61 8.33 -7.83
C HIS A 289 6.26 7.13 -8.51
N GLY A 290 6.16 5.96 -7.86
CA GLY A 290 6.65 4.70 -8.38
C GLY A 290 5.93 4.41 -9.68
N GLY A 291 4.63 4.64 -9.73
CA GLY A 291 3.89 4.38 -10.98
C GLY A 291 4.45 5.08 -12.21
N ARG A 292 4.62 6.36 -12.09
CA ARG A 292 5.20 7.18 -13.14
C ARG A 292 6.52 6.68 -13.55
N VAL A 293 7.38 6.28 -12.62
CA VAL A 293 8.74 5.84 -12.97
C VAL A 293 8.61 4.59 -13.77
N VAL A 294 7.75 3.66 -13.33
CA VAL A 294 7.53 2.48 -14.16
C VAL A 294 6.91 2.81 -15.54
N ASP A 295 5.95 3.76 -15.57
CA ASP A 295 5.22 4.06 -16.76
C ASP A 295 6.25 4.62 -17.77
N ILE A 296 7.09 5.53 -17.31
CA ILE A 296 8.00 6.27 -18.18
C ILE A 296 9.14 5.33 -18.61
N VAL A 297 9.72 4.57 -17.70
CA VAL A 297 10.79 3.74 -18.15
C VAL A 297 10.30 2.62 -19.09
N MET A 298 9.21 1.93 -18.73
CA MET A 298 8.74 0.84 -19.52
C MET A 298 8.33 1.27 -20.93
N ASN A 299 7.74 2.45 -21.08
CA ASN A 299 7.10 2.79 -22.32
C ASN A 299 7.90 3.81 -23.15
N ASP A 300 9.01 4.27 -22.62
CA ASP A 300 9.90 5.13 -23.42
C ASP A 300 10.90 4.22 -24.05
N ALA A 301 10.80 4.09 -25.37
CA ALA A 301 11.57 3.10 -26.13
C ALA A 301 13.06 3.21 -25.74
N ALA A 302 13.62 4.42 -25.64
CA ALA A 302 15.04 4.49 -25.38
C ALA A 302 15.38 4.19 -23.89
N LEU A 303 14.47 4.58 -22.99
CA LEU A 303 14.73 4.35 -21.57
C LEU A 303 14.54 2.88 -21.31
N HIS A 304 13.53 2.30 -21.97
CA HIS A 304 13.39 0.86 -21.91
C HIS A 304 14.63 0.10 -22.35
N GLU A 305 15.22 0.52 -23.44
CA GLU A 305 16.36 -0.23 -23.92
C GLU A 305 17.51 -0.01 -22.93
N GLN A 306 17.62 1.23 -22.46
CA GLN A 306 18.70 1.51 -21.53
C GLN A 306 18.53 0.68 -20.24
N TRP A 307 17.32 0.66 -19.72
CA TRP A 307 17.01 -0.11 -18.51
C TRP A 307 17.41 -1.58 -18.65
N VAL A 308 17.05 -2.19 -19.78
CA VAL A 308 17.41 -3.57 -20.02
C VAL A 308 18.97 -3.74 -19.91
N GLY A 309 19.74 -2.82 -20.51
CA GLY A 309 21.19 -2.86 -20.43
C GLY A 309 21.63 -2.76 -18.96
N GLU A 310 20.93 -1.96 -18.14
CA GLU A 310 21.39 -1.71 -16.78
C GLU A 310 21.08 -2.92 -15.90
N VAL A 311 19.97 -3.59 -16.21
CA VAL A 311 19.61 -4.75 -15.50
C VAL A 311 20.57 -5.85 -15.86
N TYR A 312 20.89 -6.00 -17.14
CA TYR A 312 21.88 -6.98 -17.54
C TYR A 312 23.26 -6.72 -16.98
N ALA A 313 23.66 -5.46 -16.76
CA ALA A 313 24.96 -5.27 -16.06
C ALA A 313 24.83 -5.85 -14.65
N MET A 314 23.64 -5.74 -14.06
CA MET A 314 23.48 -6.28 -12.70
C MET A 314 23.56 -7.80 -12.70
N ARG A 315 22.85 -8.40 -13.64
CA ARG A 315 22.87 -9.81 -13.90
C ARG A 315 24.28 -10.32 -14.11
N ASP A 316 25.06 -9.67 -15.01
CA ASP A 316 26.44 -10.10 -15.22
C ASP A 316 27.37 -9.94 -14.06
N ARG A 317 27.25 -8.86 -13.27
CA ARG A 317 28.12 -8.75 -12.08
C ARG A 317 27.84 -9.88 -11.09
N ILE A 318 26.58 -10.25 -10.94
CA ILE A 318 26.29 -11.36 -10.05
C ILE A 318 26.92 -12.61 -10.63
N LYS A 319 26.80 -12.79 -11.94
CA LYS A 319 27.46 -13.97 -12.50
C LYS A 319 28.95 -13.96 -12.29
N SER A 320 29.56 -12.79 -12.40
CA SER A 320 31.00 -12.79 -12.28
C SER A 320 31.38 -12.98 -10.80
N MET A 321 30.55 -12.51 -9.87
CA MET A 321 30.79 -12.81 -8.47
C MET A 321 30.71 -14.29 -8.19
N ARG A 322 29.73 -14.94 -8.81
CA ARG A 322 29.58 -16.40 -8.61
C ARG A 322 30.82 -17.13 -9.13
N THR A 323 31.24 -16.74 -10.33
CA THR A 323 32.35 -17.35 -10.97
C THR A 323 33.56 -17.08 -10.10
N LYS A 324 33.78 -15.82 -9.72
CA LYS A 324 34.97 -15.44 -8.95
C LYS A 324 35.09 -16.18 -7.60
N LEU A 325 33.96 -16.29 -6.91
CA LEU A 325 33.94 -16.86 -5.59
C LEU A 325 34.19 -18.36 -5.76
N LYS A 326 33.57 -18.95 -6.79
CA LYS A 326 33.79 -20.35 -6.97
C LYS A 326 35.27 -20.62 -7.21
N SER A 327 35.89 -19.87 -8.11
CA SER A 327 37.25 -20.23 -8.44
C SER A 327 38.17 -19.92 -7.31
N VAL A 328 37.94 -18.80 -6.63
CA VAL A 328 38.70 -18.48 -5.40
C VAL A 328 38.59 -19.61 -4.35
N LEU A 329 37.40 -20.13 -4.13
CA LEU A 329 37.18 -21.10 -3.07
C LEU A 329 37.80 -22.44 -3.51
N GLU A 330 37.71 -22.73 -4.81
CA GLU A 330 38.23 -23.99 -5.33
C GLU A 330 39.73 -23.98 -5.43
N ALA A 331 40.35 -22.80 -5.46
CA ALA A 331 41.79 -22.71 -5.35
C ALA A 331 42.25 -22.94 -3.89
N LYS A 332 41.36 -22.67 -2.94
CA LYS A 332 41.78 -22.52 -1.57
C LYS A 332 41.35 -23.62 -0.64
N ILE A 333 40.52 -24.55 -1.12
CA ILE A 333 40.06 -25.70 -0.33
C ILE A 333 40.07 -26.85 -1.30
N SER A 334 40.77 -27.91 -0.93
CA SER A 334 41.02 -28.98 -1.87
C SER A 334 39.87 -29.97 -1.85
N GLY A 335 39.47 -30.35 -3.04
CA GLY A 335 38.54 -31.45 -3.20
C GLY A 335 37.12 -31.18 -2.75
N ARG A 336 36.79 -29.93 -2.52
CA ARG A 336 35.41 -29.52 -2.31
C ARG A 336 34.78 -29.04 -3.58
N ASN A 337 33.48 -29.23 -3.72
CA ASN A 337 32.84 -28.84 -4.97
C ASN A 337 31.95 -27.60 -4.76
N PHE A 338 32.22 -26.55 -5.54
CA PHE A 338 31.38 -25.33 -5.45
C PHE A 338 30.74 -25.02 -6.75
N ASP A 339 30.58 -26.04 -7.59
CA ASP A 339 29.75 -25.93 -8.81
C ASP A 339 28.40 -25.25 -8.53
N TYR A 340 27.80 -25.48 -7.35
CA TYR A 340 26.46 -24.95 -7.02
C TYR A 340 26.54 -23.44 -7.17
N LEU A 341 27.71 -22.85 -6.93
CA LEU A 341 27.78 -21.41 -7.01
C LEU A 341 27.47 -20.92 -8.43
N THR A 342 27.99 -21.62 -9.42
CA THR A 342 27.67 -21.19 -10.76
C THR A 342 26.48 -21.88 -11.43
N ALA A 343 25.94 -22.94 -10.84
CA ALA A 343 24.79 -23.61 -11.38
C ALA A 343 23.59 -22.84 -10.92
N GLN A 344 23.70 -22.15 -9.79
CA GLN A 344 22.56 -21.36 -9.34
C GLN A 344 22.35 -20.05 -10.10
N ASN A 345 21.15 -19.48 -9.98
CA ASN A 345 20.80 -18.28 -10.73
C ASN A 345 20.28 -17.19 -9.88
N GLY A 346 20.61 -15.95 -10.21
CA GLY A 346 19.97 -14.79 -9.62
C GLY A 346 20.79 -14.27 -8.48
N MET A 347 20.11 -13.56 -7.59
CA MET A 347 20.73 -12.94 -6.44
C MET A 347 21.12 -13.91 -5.36
N PHE A 348 20.43 -15.06 -5.30
CA PHE A 348 20.67 -15.96 -4.17
C PHE A 348 21.41 -17.20 -4.42
N SER A 349 22.14 -17.59 -3.39
CA SER A 349 22.79 -18.85 -3.39
C SER A 349 22.60 -19.64 -2.09
N PHE A 350 22.20 -20.89 -2.21
CA PHE A 350 22.23 -21.72 -0.99
C PHE A 350 23.64 -22.26 -0.92
N THR A 351 24.47 -21.76 0.00
CA THR A 351 25.92 -22.10 0.06
C THR A 351 26.17 -23.53 0.59
N GLY A 352 25.13 -24.21 1.10
CA GLY A 352 25.31 -25.48 1.74
C GLY A 352 26.15 -25.40 3.02
N LEU A 353 26.46 -24.19 3.47
CA LEU A 353 27.03 -24.04 4.79
C LEU A 353 26.07 -24.49 5.87
N THR A 354 26.60 -25.18 6.90
CA THR A 354 25.79 -25.58 8.04
C THR A 354 25.27 -24.42 8.83
N PRO A 355 24.15 -24.60 9.56
CA PRO A 355 23.77 -23.50 10.45
C PRO A 355 24.92 -23.14 11.38
N GLU A 356 25.73 -24.13 11.80
CA GLU A 356 26.86 -23.80 12.68
C GLU A 356 27.84 -22.90 11.91
N GLN A 357 28.23 -23.29 10.69
CA GLN A 357 29.23 -22.58 9.93
C GLN A 357 28.74 -21.12 9.61
N VAL A 358 27.43 -20.95 9.44
CA VAL A 358 26.87 -19.63 9.26
C VAL A 358 27.13 -18.80 10.56
N GLU A 359 26.91 -19.40 11.74
CA GLU A 359 27.28 -18.79 13.02
C GLU A 359 28.76 -18.33 13.10
N ARG A 360 29.69 -19.28 12.98
CA ARG A 360 31.14 -19.00 12.84
C ARG A 360 31.41 -17.81 11.89
N LEU A 361 30.72 -17.73 10.74
CA LEU A 361 30.86 -16.55 9.88
C LEU A 361 30.42 -15.27 10.58
N GLN A 362 29.24 -15.25 11.19
CA GLN A 362 28.91 -14.12 12.03
C GLN A 362 30.04 -13.83 13.09
N SER A 363 30.21 -14.75 14.03
CA SER A 363 31.05 -14.46 15.20
C SER A 363 32.47 -14.12 14.85
N GLU A 364 33.17 -15.03 14.16
CA GLU A 364 34.60 -14.86 13.88
C GLU A 364 34.88 -13.81 12.79
N PHE A 365 33.87 -13.40 12.01
CA PHE A 365 34.19 -12.59 10.82
C PHE A 365 33.25 -11.44 10.51
N GLY A 366 32.09 -11.43 11.15
CA GLY A 366 31.11 -10.37 10.85
C GLY A 366 30.64 -10.44 9.41
N ILE A 367 30.68 -11.66 8.87
CA ILE A 367 30.02 -11.95 7.61
C ILE A 367 28.63 -12.54 7.84
N TYR A 368 27.59 -11.83 7.42
CA TYR A 368 26.21 -12.30 7.65
C TYR A 368 25.58 -13.04 6.46
N MET A 369 25.17 -14.31 6.65
CA MET A 369 24.15 -14.96 5.78
C MET A 369 22.92 -15.44 6.55
N ILE A 370 21.88 -15.90 5.87
CA ILE A 370 20.76 -16.50 6.58
C ILE A 370 21.16 -17.90 7.07
N SER A 371 20.60 -18.32 8.19
CA SER A 371 21.06 -19.54 8.86
C SER A 371 20.82 -20.80 8.00
N ASN A 372 19.89 -20.68 7.07
CA ASN A 372 19.57 -21.76 6.09
C ASN A 372 20.65 -21.88 4.95
N SER A 373 21.74 -21.10 5.07
CA SER A 373 22.86 -20.98 4.12
C SER A 373 22.63 -19.98 2.95
N ARG A 374 21.49 -19.33 2.88
CA ARG A 374 21.27 -18.38 1.81
C ARG A 374 22.28 -17.24 1.84
N MET A 375 22.90 -16.98 0.70
CA MET A 375 23.76 -15.85 0.61
C MET A 375 23.19 -14.95 -0.54
N CYS A 376 23.31 -13.66 -0.35
CA CYS A 376 22.98 -12.75 -1.41
C CYS A 376 24.24 -12.50 -2.16
N VAL A 377 24.39 -13.07 -3.35
CA VAL A 377 25.61 -12.87 -4.17
C VAL A 377 25.95 -11.40 -4.50
N ALA A 378 24.93 -10.55 -4.62
CA ALA A 378 25.13 -9.12 -4.88
C ALA A 378 25.83 -8.32 -3.75
N GLY A 379 25.83 -8.89 -2.55
CA GLY A 379 26.65 -8.36 -1.46
C GLY A 379 28.15 -8.59 -1.65
N LEU A 380 28.53 -9.43 -2.59
CA LEU A 380 29.94 -9.64 -2.81
C LEU A 380 30.38 -8.69 -3.88
N ASN A 381 31.60 -8.20 -3.68
CA ASN A 381 32.23 -7.36 -4.65
C ASN A 381 33.73 -7.53 -4.51
N SER A 382 34.51 -6.94 -5.43
CA SER A 382 35.95 -7.16 -5.47
C SER A 382 36.63 -6.64 -4.24
N SER A 383 36.00 -5.76 -3.47
CA SER A 383 36.64 -5.28 -2.23
C SER A 383 36.47 -6.27 -1.09
N ASN A 384 35.46 -7.16 -1.18
CA ASN A 384 35.20 -8.00 -0.03
C ASN A 384 35.32 -9.49 -0.36
N ILE A 385 35.48 -9.83 -1.63
CA ILE A 385 35.41 -11.22 -2.06
C ILE A 385 36.44 -12.13 -1.36
N ASP A 386 37.68 -11.63 -1.26
CA ASP A 386 38.83 -12.40 -0.73
C ASP A 386 38.68 -12.61 0.76
N TYR A 387 38.26 -11.56 1.48
CA TYR A 387 37.87 -11.68 2.89
C TYR A 387 36.73 -12.66 3.10
N VAL A 388 35.68 -12.57 2.27
CA VAL A 388 34.59 -13.56 2.42
C VAL A 388 35.07 -14.97 2.04
N ALA A 389 35.79 -15.15 0.95
CA ALA A 389 36.16 -16.50 0.48
C ALA A 389 36.98 -17.17 1.57
N ASN A 390 37.97 -16.43 2.06
CA ASN A 390 38.83 -16.85 3.15
C ASN A 390 38.10 -17.20 4.44
N ALA A 391 37.16 -16.36 4.85
CA ALA A 391 36.34 -16.65 6.01
C ALA A 391 35.55 -17.93 5.84
N MET A 392 35.25 -18.26 4.58
CA MET A 392 34.42 -19.43 4.29
C MET A 392 35.33 -20.63 4.43
N VAL A 393 36.53 -20.53 3.86
CA VAL A 393 37.51 -21.59 3.86
C VAL A 393 37.73 -21.95 5.33
N ASP A 394 38.02 -20.94 6.14
CA ASP A 394 38.24 -21.13 7.59
C ASP A 394 37.12 -21.88 8.28
N VAL A 395 35.91 -21.50 7.94
CA VAL A 395 34.73 -21.93 8.66
C VAL A 395 34.32 -23.37 8.21
N LEU A 396 34.82 -23.78 7.04
CA LEU A 396 34.51 -25.11 6.49
C LEU A 396 35.41 -26.23 7.05
N LYS A 397 36.15 -25.90 8.12
CA LYS A 397 37.10 -26.82 8.73
C LYS A 397 36.99 -27.20 10.22
N ASP A 398 36.00 -26.74 11.01
CA ASP A 398 36.04 -27.21 12.45
C ASP A 398 35.79 -28.74 12.60
N MET B 1 -13.03 -20.53 -16.48
CA MET B 1 -12.27 -20.56 -15.18
C MET B 1 -12.84 -19.55 -14.17
N PHE B 2 -13.18 -18.36 -14.67
CA PHE B 2 -13.56 -17.21 -13.84
C PHE B 2 -15.01 -16.71 -14.09
N GLU B 3 -15.82 -17.55 -14.71
CA GLU B 3 -17.17 -17.10 -15.09
C GLU B 3 -18.04 -16.73 -13.91
N ARG B 4 -17.69 -17.26 -12.74
CA ARG B 4 -18.48 -17.09 -11.52
C ARG B 4 -17.98 -15.97 -10.65
N ILE B 5 -16.97 -15.23 -11.09
CA ILE B 5 -16.44 -14.10 -10.32
C ILE B 5 -17.40 -12.96 -10.68
N ASP B 6 -18.06 -12.36 -9.68
CA ASP B 6 -19.02 -11.27 -9.97
C ASP B 6 -18.29 -10.12 -10.62
N TYR B 7 -18.98 -9.48 -11.56
CA TYR B 7 -18.58 -8.18 -12.00
C TYR B 7 -18.50 -7.26 -10.82
N TYR B 8 -17.63 -6.29 -10.93
CA TYR B 8 -17.54 -5.30 -9.94
C TYR B 8 -18.26 -4.13 -10.56
N ALA B 9 -19.21 -3.51 -9.82
CA ALA B 9 -19.96 -2.32 -10.26
C ALA B 9 -19.13 -1.06 -10.38
N GLY B 10 -17.93 -1.04 -9.78
CA GLY B 10 -17.02 0.11 -9.94
C GLY B 10 -17.25 1.11 -8.80
N ASP B 11 -16.33 2.08 -8.68
CA ASP B 11 -16.31 3.12 -7.62
C ASP B 11 -17.70 3.79 -7.59
N PRO B 12 -18.44 3.71 -6.45
CA PRO B 12 -19.82 4.20 -6.50
C PRO B 12 -19.97 5.54 -7.20
N ILE B 13 -18.96 6.42 -7.08
CA ILE B 13 -19.00 7.78 -7.65
C ILE B 13 -18.90 7.82 -9.17
N LEU B 14 -18.42 6.76 -9.81
CA LEU B 14 -18.09 6.81 -11.25
C LEU B 14 -19.32 6.95 -12.17
N GLY B 15 -20.45 6.37 -11.74
CA GLY B 15 -21.80 6.71 -12.29
C GLY B 15 -22.10 8.22 -12.38
N LEU B 16 -21.48 9.00 -11.49
CA LEU B 16 -21.55 10.45 -11.51
C LEU B 16 -20.41 11.13 -12.34
N VAL B 17 -19.16 10.68 -12.15
CA VAL B 17 -17.95 11.30 -12.79
C VAL B 17 -17.93 11.17 -14.33
N GLU B 18 -18.75 10.24 -14.82
CA GLU B 18 -18.85 9.98 -16.24
C GLU B 18 -20.11 10.60 -16.79
N LYS B 19 -21.14 10.69 -15.96
CA LYS B 19 -22.34 11.40 -16.41
C LYS B 19 -22.07 12.93 -16.49
N PHE B 20 -21.04 13.35 -15.75
CA PHE B 20 -20.72 14.74 -15.68
C PHE B 20 -19.91 15.00 -16.94
N ALA B 21 -18.97 14.11 -17.19
CA ALA B 21 -18.08 14.15 -18.36
C ALA B 21 -18.93 14.24 -19.61
N ALA B 22 -19.96 13.40 -19.71
CA ALA B 22 -20.94 13.46 -20.78
C ALA B 22 -21.90 14.68 -20.78
N ASP B 23 -22.22 15.30 -19.63
CA ASP B 23 -23.11 16.49 -19.63
C ASP B 23 -22.63 17.60 -20.60
N ASN B 24 -23.51 18.13 -21.45
CA ASN B 24 -23.12 19.08 -22.51
C ASN B 24 -23.46 20.52 -22.18
N ASN B 25 -23.98 20.72 -20.99
CA ASN B 25 -24.16 22.08 -20.46
C ASN B 25 -22.78 22.71 -20.22
N PRO B 26 -22.44 23.77 -20.95
CA PRO B 26 -21.12 24.38 -20.79
C PRO B 26 -20.83 25.00 -19.42
N ASP B 27 -21.80 25.05 -18.50
CA ASP B 27 -21.61 25.66 -17.17
C ASP B 27 -21.77 24.60 -16.16
N LYS B 28 -21.71 23.38 -16.61
CA LYS B 28 -21.74 22.25 -15.69
C LYS B 28 -20.62 22.42 -14.64
N VAL B 29 -20.89 21.91 -13.44
CA VAL B 29 -19.98 22.02 -12.30
C VAL B 29 -20.10 20.67 -11.57
N ASN B 30 -18.96 19.98 -11.45
CA ASN B 30 -18.87 18.76 -10.68
C ASN B 30 -18.57 18.97 -9.19
N LEU B 31 -19.62 18.98 -8.34
CA LEU B 31 -19.46 19.13 -6.89
C LEU B 31 -19.61 17.81 -6.26
N GLY B 32 -19.62 16.78 -7.08
CA GLY B 32 -19.70 15.39 -6.58
C GLY B 32 -18.33 14.82 -6.20
N ILE B 33 -17.23 15.44 -6.63
CA ILE B 33 -15.93 14.78 -6.38
C ILE B 33 -15.31 15.12 -4.98
N GLY B 34 -14.40 14.32 -4.47
CA GLY B 34 -13.98 14.44 -3.12
C GLY B 34 -12.55 14.88 -2.97
N ILE B 35 -12.15 15.83 -3.80
CA ILE B 35 -10.80 16.33 -3.92
C ILE B 35 -10.85 17.83 -3.54
N TYR B 36 -9.76 18.36 -2.99
CA TYR B 36 -9.70 19.76 -2.80
C TYR B 36 -9.22 20.45 -4.10
N TYR B 37 -10.03 21.31 -4.68
CA TYR B 37 -9.50 22.28 -5.65
C TYR B 37 -9.27 23.68 -5.07
N ASP B 38 -8.35 24.44 -5.64
CA ASP B 38 -8.05 25.73 -5.02
C ASP B 38 -8.89 26.86 -5.66
N GLU B 39 -8.45 28.09 -5.47
CA GLU B 39 -9.26 29.21 -5.96
C GLU B 39 -9.41 29.24 -7.47
N SER B 40 -8.53 28.50 -8.15
CA SER B 40 -8.50 28.42 -9.67
C SER B 40 -9.22 27.15 -10.18
N GLY B 41 -9.67 26.34 -9.22
CA GLY B 41 -10.47 25.20 -9.58
C GLY B 41 -9.65 24.02 -9.99
N VAL B 42 -8.41 23.99 -9.55
CA VAL B 42 -7.51 22.90 -9.83
C VAL B 42 -6.87 22.40 -8.55
N MET B 43 -6.36 21.17 -8.63
CA MET B 43 -5.73 20.58 -7.49
C MET B 43 -4.39 21.29 -7.27
N PRO B 44 -4.20 21.85 -6.09
CA PRO B 44 -3.00 22.64 -5.88
C PRO B 44 -1.79 21.75 -5.67
N VAL B 45 -0.62 22.23 -6.07
CA VAL B 45 0.64 21.65 -5.54
C VAL B 45 1.01 22.60 -4.42
N LEU B 46 1.18 22.09 -3.21
CA LEU B 46 1.57 22.98 -2.11
C LEU B 46 3.01 23.44 -2.27
N ASP B 47 3.28 24.72 -1.97
CA ASP B 47 4.66 25.19 -2.00
C ASP B 47 5.58 24.36 -1.10
N CYS B 48 5.13 24.01 0.11
CA CYS B 48 6.01 23.20 1.00
C CYS B 48 6.38 21.83 0.33
N VAL B 49 5.40 21.18 -0.29
CA VAL B 49 5.60 19.93 -0.99
C VAL B 49 6.58 20.17 -2.14
N LYS B 50 6.34 21.24 -2.89
CA LYS B 50 7.12 21.55 -4.05
C LYS B 50 8.56 21.69 -3.63
N ILE B 51 8.77 22.34 -2.48
CA ILE B 51 10.15 22.40 -1.96
C ILE B 51 10.73 21.03 -1.50
N ALA B 52 9.92 20.27 -0.80
CA ALA B 52 10.29 18.99 -0.30
C ALA B 52 10.73 18.10 -1.51
N GLU B 53 9.97 18.16 -2.59
CA GLU B 53 10.23 17.28 -3.73
C GLU B 53 11.42 17.76 -4.47
N GLN B 54 11.73 19.05 -4.42
CA GLN B 54 13.00 19.49 -5.08
C GLN B 54 14.19 18.95 -4.30
N ARG B 55 14.03 18.86 -2.99
CA ARG B 55 15.05 18.28 -2.11
C ARG B 55 15.19 16.78 -2.35
N ILE B 56 14.06 16.09 -2.45
CA ILE B 56 14.10 14.67 -2.87
C ILE B 56 14.81 14.45 -4.22
N ALA B 57 14.66 15.38 -5.16
CA ALA B 57 15.30 15.24 -6.51
C ALA B 57 16.72 15.78 -6.56
N ASP B 58 17.21 16.26 -5.43
CA ASP B 58 18.55 16.88 -5.42
C ASP B 58 19.32 16.53 -4.18
N PRO B 59 20.08 15.42 -4.20
CA PRO B 59 20.20 14.53 -5.37
C PRO B 59 19.12 13.40 -5.41
N ILE B 60 18.92 12.84 -6.61
CA ILE B 60 18.12 11.66 -6.79
C ILE B 60 18.87 10.52 -6.06
N SER B 61 18.19 9.87 -5.12
CA SER B 61 18.89 8.98 -4.21
C SER B 61 18.52 7.52 -4.46
N PRO B 62 19.40 6.59 -3.96
CA PRO B 62 19.07 5.19 -3.86
C PRO B 62 17.76 5.02 -3.13
N ARG B 63 17.08 3.93 -3.41
CA ARG B 63 15.70 3.76 -3.03
C ARG B 63 15.56 2.46 -2.28
N PRO B 64 16.29 2.37 -1.13
CA PRO B 64 16.12 1.15 -0.29
C PRO B 64 14.68 1.07 0.26
N TYR B 65 14.20 -0.10 0.60
CA TYR B 65 12.97 -0.23 1.41
C TYR B 65 13.00 0.68 2.61
N LEU B 66 11.89 1.31 2.87
CA LEU B 66 11.66 1.95 4.11
C LEU B 66 11.48 0.84 5.14
N PRO B 67 11.59 1.19 6.43
CA PRO B 67 11.12 0.28 7.49
C PRO B 67 9.65 -0.11 7.24
N MET B 68 9.20 -1.20 7.81
CA MET B 68 7.79 -1.58 7.59
C MET B 68 6.91 -0.47 8.12
N ALA B 69 7.37 0.20 9.20
CA ALA B 69 6.58 1.29 9.85
C ALA B 69 6.75 2.64 9.09
N GLY B 70 7.54 2.66 8.02
CA GLY B 70 7.79 3.91 7.28
C GLY B 70 8.94 4.67 7.93
N LEU B 71 9.20 5.88 7.45
CA LEU B 71 10.30 6.66 7.97
C LEU B 71 9.95 7.08 9.41
N PRO B 72 10.95 7.01 10.31
CA PRO B 72 10.81 7.57 11.65
C PRO B 72 10.21 9.01 11.65
N GLY B 73 10.66 9.87 10.72
CA GLY B 73 10.20 11.26 10.72
C GLY B 73 8.76 11.37 10.27
N HIS B 74 8.34 10.44 9.45
CA HIS B 74 6.95 10.42 8.97
C HIS B 74 6.06 9.98 10.16
N ARG B 75 6.46 8.90 10.80
CA ARG B 75 5.78 8.43 12.05
C ARG B 75 5.74 9.59 13.06
N LYS B 76 6.89 10.24 13.29
CA LYS B 76 6.90 11.40 14.23
C LYS B 76 6.00 12.59 13.86
N GLY B 77 6.01 12.93 12.57
CA GLY B 77 5.18 14.04 12.15
C GLY B 77 3.74 13.71 12.35
N CYS B 78 3.37 12.46 12.12
CA CYS B 78 1.94 12.13 12.28
C CYS B 78 1.59 12.30 13.76
N GLN B 79 2.44 11.78 14.63
CA GLN B 79 2.20 11.81 16.06
C GLN B 79 2.02 13.22 16.62
N GLU B 80 2.95 14.09 16.26
CA GLU B 80 2.97 15.48 16.77
C GLU B 80 1.80 16.29 16.25
N LEU B 81 1.49 16.05 14.98
CA LEU B 81 0.34 16.66 14.41
C LEU B 81 -0.93 16.20 15.14
N LEU B 82 -1.02 14.91 15.38
CA LEU B 82 -2.23 14.37 15.95
C LEU B 82 -2.38 14.65 17.46
N PHE B 83 -1.28 14.44 18.17
CA PHE B 83 -1.27 14.34 19.62
C PHE B 83 -0.72 15.63 20.26
N GLY B 84 -0.03 16.43 19.44
CA GLY B 84 0.57 17.66 19.89
C GLY B 84 2.08 17.57 19.91
N LYS B 85 2.74 18.67 19.57
CA LYS B 85 4.18 18.63 19.59
C LYS B 85 4.62 18.30 21.06
N ASP B 86 5.59 17.40 21.23
CA ASP B 86 6.05 17.01 22.58
C ASP B 86 4.96 16.62 23.66
N ALA B 87 3.81 16.10 23.19
CA ALA B 87 2.72 15.62 24.03
C ALA B 87 3.24 14.57 25.02
N PRO B 88 2.72 14.54 26.25
CA PRO B 88 3.12 13.53 27.23
C PRO B 88 3.00 12.09 26.70
N VAL B 89 1.95 11.80 25.92
CA VAL B 89 1.71 10.45 25.43
C VAL B 89 2.91 10.00 24.56
N LEU B 90 3.45 10.94 23.79
CA LEU B 90 4.63 10.74 22.95
C LEU B 90 5.92 10.64 23.76
N LYS B 91 6.07 11.55 24.72
CA LYS B 91 7.27 11.55 25.54
CA LYS B 91 7.19 11.61 25.67
C LYS B 91 7.30 10.26 26.37
N ASP B 92 6.13 9.72 26.68
CA ASP B 92 6.04 8.46 27.46
C ASP B 92 6.13 7.19 26.61
N GLY B 93 6.31 7.32 25.30
CA GLY B 93 6.43 6.16 24.42
C GLY B 93 5.15 5.33 24.39
N LEU B 94 4.03 6.01 24.46
CA LEU B 94 2.78 5.30 24.57
C LEU B 94 1.92 5.28 23.24
N VAL B 95 2.50 5.68 22.10
CA VAL B 95 1.78 5.61 20.82
C VAL B 95 2.52 4.74 19.83
N ALA B 96 1.85 3.65 19.42
CA ALA B 96 2.43 2.82 18.42
C ALA B 96 2.04 3.45 17.07
N THR B 97 3.01 3.91 16.30
CA THR B 97 2.67 4.58 15.01
C THR B 97 3.41 4.03 13.79
N ILE B 98 2.65 3.83 12.71
CA ILE B 98 3.24 3.43 11.44
C ILE B 98 2.79 4.46 10.43
N ALA B 99 3.67 4.63 9.42
CA ALA B 99 3.23 5.16 8.11
C ALA B 99 2.34 4.15 7.39
N THR B 100 1.36 4.71 6.66
CA THR B 100 0.43 3.92 5.95
C THR B 100 0.18 4.39 4.53
N ILE B 101 -0.48 3.53 3.71
CA ILE B 101 -0.78 3.87 2.29
C ILE B 101 -2.06 4.72 2.37
N GLY B 102 -1.91 6.00 2.70
CA GLY B 102 -3.02 6.87 2.93
C GLY B 102 -3.74 6.51 4.20
N GLY B 103 -4.83 7.22 4.43
CA GLY B 103 -5.64 6.85 5.55
C GLY B 103 -6.32 5.51 5.33
N SER B 104 -6.66 5.22 4.09
CA SER B 104 -7.25 3.92 3.71
C SER B 104 -6.41 2.75 4.25
N GLY B 105 -5.12 2.78 3.94
CA GLY B 105 -4.10 1.88 4.41
C GLY B 105 -4.00 1.85 5.90
N ALA B 106 -4.25 2.98 6.58
CA ALA B 106 -4.22 3.03 8.05
C ALA B 106 -5.44 2.33 8.60
N LEU B 107 -6.59 2.61 7.98
CA LEU B 107 -7.84 2.03 8.41
C LEU B 107 -7.77 0.51 8.20
N LYS B 108 -7.18 0.12 7.09
CA LYS B 108 -7.00 -1.31 6.77
C LYS B 108 -6.10 -2.07 7.82
N VAL B 109 -4.92 -1.53 8.11
CA VAL B 109 -3.98 -2.20 9.00
C VAL B 109 -4.64 -2.22 10.36
N GLY B 110 -5.26 -1.11 10.77
CA GLY B 110 -6.00 -1.07 12.02
C GLY B 110 -7.12 -2.07 12.10
N ALA B 111 -7.96 -2.12 11.09
CA ALA B 111 -9.01 -3.07 11.06
C ALA B 111 -8.54 -4.48 11.10
N GLU B 112 -7.45 -4.81 10.39
CA GLU B 112 -6.94 -6.15 10.40
C GLU B 112 -6.41 -6.48 11.80
N PHE B 113 -5.80 -5.50 12.43
CA PHE B 113 -5.28 -5.71 13.75
C PHE B 113 -6.47 -5.97 14.71
N ILE B 114 -7.53 -5.17 14.62
CA ILE B 114 -8.69 -5.43 15.46
C ILE B 114 -9.31 -6.81 15.22
N HIS B 115 -9.50 -7.16 13.94
CA HIS B 115 -9.99 -8.48 13.59
C HIS B 115 -9.10 -9.67 14.10
N GLU B 116 -7.78 -9.54 14.08
CA GLU B 116 -6.88 -10.58 14.53
C GLU B 116 -6.91 -10.71 16.02
N TRP B 117 -6.85 -9.61 16.75
CA TRP B 117 -6.71 -9.64 18.19
C TRP B 117 -8.02 -9.39 18.99
N PHE B 118 -9.07 -8.82 18.35
CA PHE B 118 -10.42 -8.56 18.96
C PHE B 118 -11.44 -9.09 17.98
N PRO B 119 -11.41 -10.40 17.77
CA PRO B 119 -12.19 -10.98 16.74
C PRO B 119 -13.67 -10.88 17.02
N GLN B 120 -14.08 -10.58 18.25
CA GLN B 120 -15.56 -10.47 18.47
C GLN B 120 -16.08 -9.06 18.26
N SER B 121 -15.19 -8.08 18.16
CA SER B 121 -15.59 -6.64 18.02
C SER B 121 -16.28 -6.44 16.72
N LYS B 122 -17.45 -5.75 16.76
CA LYS B 122 -18.04 -5.23 15.54
C LYS B 122 -17.62 -3.73 15.41
N CYS B 123 -17.71 -3.17 14.20
CA CYS B 123 -17.32 -1.82 13.95
C CYS B 123 -18.58 -1.06 13.60
N TYR B 124 -18.76 0.14 14.17
CA TYR B 124 -19.87 1.00 13.76
C TYR B 124 -19.39 2.29 13.11
N VAL B 125 -19.96 2.62 11.95
CA VAL B 125 -19.58 3.83 11.17
C VAL B 125 -20.76 4.77 11.26
N SER B 126 -20.52 6.02 10.97
CA SER B 126 -21.58 7.00 11.18
C SER B 126 -22.65 6.77 10.11
N ASP B 127 -23.88 7.08 10.45
CA ASP B 127 -24.90 7.17 9.47
C ASP B 127 -25.16 8.62 9.09
N PRO B 128 -24.76 9.01 7.85
CA PRO B 128 -24.12 8.22 6.78
C PRO B 128 -22.59 8.33 6.91
N THR B 129 -21.83 7.61 6.11
CA THR B 129 -20.41 7.76 6.23
C THR B 129 -19.75 7.78 4.88
N TRP B 130 -18.42 7.89 4.89
CA TRP B 130 -17.56 7.80 3.71
C TRP B 130 -17.50 6.30 3.33
N GLY B 131 -18.25 5.89 2.29
CA GLY B 131 -18.56 4.45 2.04
C GLY B 131 -17.37 3.47 2.01
N ASN B 132 -16.23 3.93 1.45
CA ASN B 132 -14.93 3.15 1.63
C ASN B 132 -14.60 2.59 3.05
N HIS B 133 -14.97 3.34 4.09
CA HIS B 133 -14.85 2.92 5.49
C HIS B 133 -15.41 1.49 5.64
N ILE B 134 -16.65 1.30 5.16
CA ILE B 134 -17.32 0.09 5.35
C ILE B 134 -16.64 -1.04 4.64
N ALA B 135 -16.32 -0.84 3.38
CA ALA B 135 -15.68 -1.87 2.60
C ALA B 135 -14.36 -2.28 3.23
N ILE B 136 -13.58 -1.33 3.70
CA ILE B 136 -12.31 -1.70 4.36
C ILE B 136 -12.50 -2.65 5.61
N PHE B 137 -13.42 -2.28 6.49
CA PHE B 137 -13.65 -3.09 7.69
C PHE B 137 -14.36 -4.44 7.31
N GLU B 138 -15.32 -4.41 6.41
CA GLU B 138 -15.95 -5.67 6.00
C GLU B 138 -14.97 -6.59 5.27
N GLY B 139 -14.07 -6.00 4.48
CA GLY B 139 -12.99 -6.74 3.84
C GLY B 139 -12.01 -7.41 4.77
N CYS B 140 -12.12 -7.11 6.08
CA CYS B 140 -11.27 -7.79 7.05
C CYS B 140 -12.09 -8.91 7.73
N ASP B 141 -13.31 -9.10 7.25
CA ASP B 141 -14.29 -10.01 7.93
CA ASP B 141 -14.29 -9.96 7.90
C ASP B 141 -14.80 -9.41 9.24
N ILE B 142 -14.84 -8.08 9.37
CA ILE B 142 -15.42 -7.45 10.55
C ILE B 142 -16.81 -7.11 10.26
N GLU B 143 -17.73 -7.46 11.15
CA GLU B 143 -19.14 -7.07 10.93
C GLU B 143 -19.28 -5.56 11.16
N VAL B 144 -20.00 -4.91 10.24
CA VAL B 144 -20.10 -3.45 10.26
C VAL B 144 -21.57 -3.03 10.37
N GLY B 145 -21.86 -2.17 11.33
CA GLY B 145 -23.18 -1.50 11.35
C GLY B 145 -23.02 -0.02 11.38
N LYS B 146 -24.10 0.70 11.62
CA LYS B 146 -23.97 2.14 11.72
C LYS B 146 -24.54 2.66 12.99
N TYR B 147 -23.95 3.77 13.47
CA TYR B 147 -24.56 4.49 14.54
C TYR B 147 -25.31 5.69 13.99
N PRO B 148 -26.43 6.03 14.61
CA PRO B 148 -27.16 7.23 14.26
C PRO B 148 -26.25 8.43 14.34
N TYR B 149 -26.27 9.26 13.30
CA TYR B 149 -25.45 10.43 13.37
C TYR B 149 -26.18 11.64 12.79
N TYR B 150 -26.44 11.65 11.49
CA TYR B 150 -27.05 12.78 10.84
C TYR B 150 -28.58 12.80 10.95
N ASP B 151 -29.11 13.99 11.24
CA ASP B 151 -30.55 14.12 11.39
C ASP B 151 -31.03 14.83 10.16
N THR B 152 -31.62 14.03 9.26
CA THR B 152 -32.27 14.57 8.08
C THR B 152 -33.23 15.70 8.39
N ALA B 153 -34.05 15.54 9.42
CA ALA B 153 -35.06 16.51 9.79
C ALA B 153 -34.44 17.88 10.20
N THR B 154 -33.34 17.86 10.94
CA THR B 154 -32.88 19.10 11.51
C THR B 154 -31.59 19.56 10.83
N GLY B 155 -30.93 18.73 10.01
CA GLY B 155 -29.61 19.06 9.48
C GLY B 155 -28.52 18.99 10.52
N GLY B 156 -28.90 18.65 11.76
CA GLY B 156 -28.01 18.51 12.89
C GLY B 156 -27.72 17.03 13.19
N ILE B 157 -27.24 16.76 14.39
CA ILE B 157 -26.91 15.39 14.80
C ILE B 157 -28.04 14.74 15.64
N LYS B 158 -28.32 13.45 15.42
CA LYS B 158 -29.21 12.66 16.31
C LYS B 158 -28.40 12.31 17.56
N PHE B 159 -28.07 13.32 18.37
CA PHE B 159 -27.04 13.06 19.37
C PHE B 159 -27.55 12.17 20.45
N ASP B 160 -28.76 12.40 20.96
CA ASP B 160 -29.35 11.51 21.98
C ASP B 160 -29.40 10.07 21.54
N GLU B 161 -29.89 9.86 20.31
CA GLU B 161 -29.99 8.51 19.65
C GLU B 161 -28.65 7.88 19.45
N MET B 162 -27.66 8.70 19.11
CA MET B 162 -26.33 8.15 18.86
C MET B 162 -25.82 7.66 20.18
N ILE B 163 -25.98 8.48 21.20
CA ILE B 163 -25.47 8.12 22.53
C ILE B 163 -26.19 6.86 23.03
N ALA B 164 -27.51 6.79 22.82
CA ALA B 164 -28.27 5.67 23.29
C ALA B 164 -27.81 4.40 22.53
N PHE B 165 -27.45 4.56 21.26
CA PHE B 165 -26.97 3.41 20.50
C PHE B 165 -25.59 2.98 21.01
N PHE B 166 -24.67 3.90 21.25
CA PHE B 166 -23.44 3.52 21.96
C PHE B 166 -23.73 2.76 23.28
N GLU B 167 -24.79 3.12 24.00
CA GLU B 167 -25.01 2.46 25.30
C GLU B 167 -25.32 0.98 25.18
N THR B 168 -25.70 0.52 23.98
CA THR B 168 -26.10 -0.86 23.73
C THR B 168 -24.91 -1.71 23.27
N LEU B 169 -23.75 -1.10 23.06
CA LEU B 169 -22.70 -1.87 22.38
C LEU B 169 -21.88 -2.69 23.39
N ASN B 170 -21.07 -3.63 22.87
CA ASN B 170 -20.22 -4.49 23.67
C ASN B 170 -18.87 -3.93 23.93
N LYS B 171 -18.26 -4.31 25.05
CA LYS B 171 -16.91 -3.92 25.34
C LYS B 171 -16.09 -4.20 24.12
N ASP B 172 -15.28 -3.23 23.70
CA ASP B 172 -14.30 -3.46 22.60
C ASP B 172 -14.91 -3.41 21.20
N ASP B 173 -16.22 -3.22 21.10
CA ASP B 173 -16.82 -2.87 19.80
C ASP B 173 -16.13 -1.55 19.42
N VAL B 174 -16.01 -1.33 18.11
CA VAL B 174 -15.23 -0.23 17.61
C VAL B 174 -16.14 0.85 17.00
N LEU B 175 -15.88 2.11 17.32
CA LEU B 175 -16.63 3.18 16.73
C LEU B 175 -15.61 3.85 15.86
N LEU B 176 -15.95 3.87 14.57
CA LEU B 176 -15.24 4.71 13.60
C LEU B 176 -15.77 6.13 13.67
N LEU B 177 -14.95 6.97 14.24
CA LEU B 177 -15.29 8.39 14.55
C LEU B 177 -14.51 9.36 13.67
N HIS B 178 -15.15 10.49 13.36
CA HIS B 178 -14.64 11.54 12.53
C HIS B 178 -14.44 12.67 13.52
N PRO B 179 -13.21 12.87 13.99
CA PRO B 179 -12.93 13.95 14.96
C PRO B 179 -13.38 15.35 14.43
N CYS B 180 -13.35 15.62 13.13
CA CYS B 180 -13.86 16.90 12.59
C CYS B 180 -14.18 16.74 11.13
N CYS B 181 -14.78 17.75 10.51
CA CYS B 181 -14.93 17.78 9.07
C CYS B 181 -15.60 16.50 8.56
N HIS B 182 -16.72 16.23 9.16
CA HIS B 182 -17.53 15.10 8.81
C HIS B 182 -17.67 14.93 7.33
N ASN B 183 -17.37 13.72 6.89
CA ASN B 183 -17.70 13.32 5.55
C ASN B 183 -18.75 12.17 5.57
N PRO B 184 -19.90 12.34 4.92
CA PRO B 184 -20.16 13.35 3.94
C PRO B 184 -20.94 14.59 4.36
N THR B 185 -21.29 14.77 5.62
CA THR B 185 -22.31 15.78 5.90
C THR B 185 -21.68 17.13 6.25
N GLY B 186 -20.44 17.16 6.70
CA GLY B 186 -19.86 18.40 7.27
C GLY B 186 -20.42 18.77 8.68
N VAL B 187 -21.38 17.98 9.16
CA VAL B 187 -21.95 18.21 10.49
C VAL B 187 -21.10 17.51 11.52
N ASP B 188 -20.45 18.34 12.34
CA ASP B 188 -19.57 17.89 13.42
C ASP B 188 -20.18 18.01 14.82
N LEU B 189 -19.61 17.23 15.69
CA LEU B 189 -19.92 17.31 17.12
C LEU B 189 -19.26 18.54 17.73
N THR B 190 -19.90 19.14 18.73
CA THR B 190 -19.24 20.22 19.45
C THR B 190 -18.30 19.52 20.42
N ARG B 191 -17.42 20.27 21.08
CA ARG B 191 -16.46 19.74 22.05
C ARG B 191 -17.22 19.17 23.25
N GLU B 192 -18.31 19.80 23.64
CA GLU B 192 -19.13 19.25 24.75
C GLU B 192 -19.76 17.89 24.39
N GLN B 193 -20.17 17.78 23.14
CA GLN B 193 -20.65 16.50 22.66
C GLN B 193 -19.53 15.47 22.62
N TRP B 194 -18.34 15.83 22.19
CA TRP B 194 -17.22 14.92 22.21
C TRP B 194 -17.02 14.44 23.63
N ASP B 195 -17.14 15.36 24.57
CA ASP B 195 -16.88 15.02 25.97
C ASP B 195 -17.80 13.91 26.41
N THR B 196 -19.09 14.06 26.11
CA THR B 196 -20.11 13.07 26.42
C THR B 196 -19.89 11.78 25.61
N VAL B 197 -19.52 11.92 24.35
CA VAL B 197 -19.34 10.71 23.53
C VAL B 197 -18.22 9.90 24.16
N LEU B 198 -17.16 10.61 24.55
CA LEU B 198 -15.91 9.98 25.08
C LEU B 198 -16.13 9.38 26.48
N ASN B 199 -16.88 10.06 27.35
CA ASN B 199 -17.38 9.41 28.61
C ASN B 199 -18.16 8.15 28.33
N VAL B 200 -19.11 8.21 27.40
CA VAL B 200 -19.90 6.98 27.13
C VAL B 200 -18.97 5.84 26.61
N ILE B 201 -18.09 6.14 25.65
CA ILE B 201 -17.14 5.18 25.13
C ILE B 201 -16.30 4.62 26.28
N GLN B 202 -15.90 5.53 27.19
CA GLN B 202 -15.06 5.12 28.32
C GLN B 202 -15.89 4.20 29.24
N GLU B 203 -17.14 4.60 29.49
CA GLU B 203 -17.95 3.82 30.45
C GLU B 203 -18.31 2.45 29.84
N ARG B 204 -18.56 2.41 28.51
CA ARG B 204 -18.91 1.18 27.84
C ARG B 204 -17.66 0.39 27.37
N GLU B 205 -16.50 0.96 27.49
CA GLU B 205 -15.24 0.28 27.16
C GLU B 205 -15.19 -0.06 25.66
N LEU B 206 -15.64 0.90 24.84
CA LEU B 206 -15.64 0.74 23.40
C LEU B 206 -14.24 1.18 22.90
N ILE B 207 -13.88 0.78 21.69
CA ILE B 207 -12.66 1.22 21.06
C ILE B 207 -13.01 2.40 20.11
N PRO B 208 -12.56 3.58 20.48
CA PRO B 208 -12.73 4.66 19.58
C PRO B 208 -11.66 4.60 18.48
N PHE B 209 -12.09 4.66 17.23
CA PHE B 209 -11.16 4.61 16.12
C PHE B 209 -11.38 5.91 15.41
N MET B 210 -10.52 6.86 15.68
CA MET B 210 -10.66 8.11 15.03
C MET B 210 -9.95 8.16 13.66
N ASP B 211 -10.72 8.54 12.66
CA ASP B 211 -10.24 8.73 11.30
C ASP B 211 -10.22 10.23 10.95
N ILE B 212 -9.05 10.83 10.86
CA ILE B 212 -8.97 12.25 10.64
C ILE B 212 -8.31 12.50 9.25
N ALA B 213 -9.11 12.90 8.26
CA ALA B 213 -8.58 12.98 6.92
C ALA B 213 -8.44 14.45 6.54
N TYR B 214 -8.93 15.36 7.39
CA TYR B 214 -9.00 16.78 7.06
C TYR B 214 -8.50 17.66 8.14
N GLN B 215 -7.48 17.26 8.87
CA GLN B 215 -7.02 18.10 9.98
C GLN B 215 -6.56 19.41 9.38
N GLY B 216 -6.99 20.51 10.00
CA GLY B 216 -6.59 21.82 9.56
C GLY B 216 -7.70 22.48 8.79
N PHE B 217 -8.66 21.69 8.31
CA PHE B 217 -9.78 22.24 7.54
C PHE B 217 -10.97 22.63 8.41
N GLY B 218 -11.03 22.17 9.67
CA GLY B 218 -12.18 22.50 10.52
C GLY B 218 -12.01 23.87 11.21
N GLU B 219 -11.24 23.90 12.29
CA GLU B 219 -10.87 25.16 12.93
C GLU B 219 -9.42 25.45 12.78
N ASP B 220 -8.60 24.52 13.23
CA ASP B 220 -7.14 24.61 13.11
C ASP B 220 -6.62 23.24 13.51
N MET B 221 -5.31 23.03 13.39
CA MET B 221 -4.69 21.73 13.65
C MET B 221 -4.97 21.27 15.07
N ASP B 222 -4.62 22.07 16.09
CA ASP B 222 -4.92 21.61 17.45
C ASP B 222 -6.38 21.29 17.69
N SER B 223 -7.25 22.20 17.28
N SER B 223 -7.26 22.23 17.31
CA SER B 223 -8.64 22.07 17.66
CA SER B 223 -8.68 22.13 17.62
C SER B 223 -9.32 20.93 16.93
C SER B 223 -9.33 20.94 16.93
N ASP B 224 -8.92 20.72 15.68
CA ASP B 224 -9.46 19.67 14.83
C ASP B 224 -9.18 18.34 15.50
N ALA B 225 -8.05 18.27 16.17
CA ALA B 225 -7.57 17.11 16.92
C ALA B 225 -8.09 17.06 18.40
N TYR B 226 -9.02 17.91 18.75
CA TYR B 226 -9.57 17.90 20.12
C TYR B 226 -9.99 16.51 20.57
N ALA B 227 -10.83 15.87 19.81
CA ALA B 227 -11.36 14.62 20.27
C ALA B 227 -10.24 13.60 20.50
N ILE B 228 -9.24 13.65 19.62
CA ILE B 228 -8.14 12.75 19.66
C ILE B 228 -7.48 12.97 20.99
N ARG B 229 -7.15 14.23 21.25
CA ARG B 229 -6.38 14.59 22.43
C ARG B 229 -7.14 14.40 23.75
N LYS B 230 -8.43 14.63 23.70
CA LYS B 230 -9.30 14.38 24.83
C LYS B 230 -9.39 12.85 25.07
N ALA B 231 -9.50 12.06 24.00
CA ALA B 231 -9.50 10.59 24.19
C ALA B 231 -8.21 10.11 24.90
N VAL B 232 -7.08 10.59 24.44
CA VAL B 232 -5.80 10.25 25.06
C VAL B 232 -5.76 10.65 26.55
N ASP B 233 -6.02 11.92 26.83
CA ASP B 233 -6.05 12.41 28.19
C ASP B 233 -6.94 11.58 29.07
N MET B 234 -8.02 11.04 28.54
CA MET B 234 -8.90 10.18 29.33
C MET B 234 -8.37 8.75 29.42
N GLY B 235 -7.31 8.45 28.70
CA GLY B 235 -6.77 7.08 28.73
C GLY B 235 -7.56 6.06 27.92
N LEU B 236 -8.29 6.46 26.88
CA LEU B 236 -8.96 5.48 26.03
C LEU B 236 -8.04 4.72 25.08
N PRO B 237 -8.43 3.48 24.68
CA PRO B 237 -7.54 2.77 23.78
C PRO B 237 -7.81 3.21 22.32
N LEU B 238 -7.23 4.38 22.00
CA LEU B 238 -7.47 5.10 20.77
C LEU B 238 -6.65 4.58 19.64
N PHE B 239 -7.35 4.41 18.52
CA PHE B 239 -6.79 4.16 17.19
C PHE B 239 -7.05 5.44 16.38
N VAL B 240 -6.03 5.91 15.67
CA VAL B 240 -6.16 7.10 14.81
C VAL B 240 -5.54 6.85 13.48
N SER B 241 -6.39 6.93 12.44
CA SER B 241 -5.85 6.85 11.10
C SER B 241 -5.86 8.31 10.66
N ASN B 242 -4.72 8.79 10.18
CA ASN B 242 -4.71 10.10 9.61
C ASN B 242 -4.24 10.06 8.14
N SER B 243 -4.77 10.98 7.34
CA SER B 243 -4.43 11.01 5.95
C SER B 243 -3.86 12.38 5.65
N PHE B 244 -2.73 12.43 4.93
CA PHE B 244 -2.25 13.65 4.39
C PHE B 244 -2.75 13.89 2.97
N SER B 245 -3.66 13.03 2.46
CA SER B 245 -4.15 13.22 1.07
C SER B 245 -4.66 14.63 0.71
N LYS B 246 -5.55 15.17 1.50
CA LYS B 246 -6.16 16.44 1.22
C LYS B 246 -5.24 17.56 1.73
N ASN B 247 -4.81 17.48 3.00
CA ASN B 247 -4.00 18.57 3.51
C ASN B 247 -2.56 18.66 3.04
N LEU B 248 -2.08 17.64 2.37
CA LEU B 248 -0.75 17.84 1.70
C LEU B 248 -1.02 17.87 0.21
N SER B 249 -2.28 17.67 -0.17
CA SER B 249 -2.61 17.66 -1.60
C SER B 249 -1.77 16.62 -2.38
N LEU B 250 -1.73 15.44 -1.77
CA LEU B 250 -0.77 14.39 -2.05
C LEU B 250 -1.45 13.02 -2.19
N TYR B 251 -2.71 13.07 -2.64
CA TYR B 251 -3.59 11.91 -2.82
C TYR B 251 -2.84 10.73 -3.37
N GLY B 252 -2.16 10.97 -4.48
CA GLY B 252 -1.61 9.86 -5.28
C GLY B 252 -0.36 9.29 -4.68
N GLU B 253 0.28 9.97 -3.74
CA GLU B 253 1.51 9.38 -3.18
C GLU B 253 1.21 8.43 -2.01
N ARG B 254 -0.05 8.42 -1.49
CA ARG B 254 -0.53 7.50 -0.46
C ARG B 254 0.19 7.68 0.86
N VAL B 255 -0.14 8.76 1.55
CA VAL B 255 0.59 9.03 2.74
C VAL B 255 -0.40 9.24 3.89
N GLY B 256 -0.29 8.38 4.91
CA GLY B 256 -1.06 8.57 6.09
C GLY B 256 -0.34 7.97 7.26
N GLY B 257 -1.07 7.88 8.39
CA GLY B 257 -0.55 7.18 9.52
C GLY B 257 -1.61 6.41 10.24
N LEU B 258 -1.13 5.40 10.97
CA LEU B 258 -1.90 4.72 11.98
C LEU B 258 -1.17 4.82 13.34
N SER B 259 -1.92 5.30 14.37
CA SER B 259 -1.43 5.43 15.74
C SER B 259 -2.39 4.70 16.66
N VAL B 260 -1.79 3.95 17.61
CA VAL B 260 -2.55 3.21 18.57
C VAL B 260 -2.02 3.67 19.94
N VAL B 261 -2.93 4.23 20.72
CA VAL B 261 -2.52 4.82 22.05
C VAL B 261 -2.58 3.71 23.08
N CYS B 262 -1.45 3.43 23.71
CA CYS B 262 -1.35 2.19 24.53
C CYS B 262 -1.21 2.57 25.98
N PRO B 263 -1.65 1.71 26.92
CA PRO B 263 -1.46 2.24 28.32
C PRO B 263 -0.03 2.10 28.90
N THR B 264 0.80 1.25 28.32
CA THR B 264 2.16 1.11 28.78
C THR B 264 3.08 0.94 27.59
N VAL B 265 4.36 1.14 27.87
CA VAL B 265 5.40 1.05 26.88
C VAL B 265 5.44 -0.40 26.42
N ASP B 266 5.15 -1.34 27.31
CA ASP B 266 5.24 -2.71 26.84
C ASP B 266 4.11 -3.03 25.82
N GLU B 267 2.91 -2.55 26.11
CA GLU B 267 1.78 -2.64 25.18
C GLU B 267 2.10 -1.95 23.91
N THR B 268 2.72 -0.77 24.00
CA THR B 268 3.22 -0.09 22.81
C THR B 268 4.08 -0.99 21.97
N GLU B 269 4.98 -1.71 22.59
CA GLU B 269 5.86 -2.59 21.87
C GLU B 269 5.12 -3.76 21.24
N ARG B 270 4.22 -4.40 21.99
CA ARG B 270 3.47 -5.50 21.39
C ARG B 270 2.62 -4.96 20.18
N VAL B 271 1.92 -3.84 20.35
CA VAL B 271 1.03 -3.30 19.30
C VAL B 271 1.86 -2.84 18.08
N PHE B 272 2.93 -2.12 18.33
CA PHE B 272 3.82 -1.71 17.25
C PHE B 272 4.31 -2.90 16.43
N GLY B 273 4.73 -3.95 17.13
CA GLY B 273 5.30 -5.17 16.56
C GLY B 273 4.25 -5.75 15.69
N GLN B 274 3.05 -5.87 16.20
CA GLN B 274 1.99 -6.47 15.45
C GLN B 274 1.51 -5.58 14.27
N LEU B 275 1.65 -4.24 14.35
CA LEU B 275 1.29 -3.39 13.24
C LEU B 275 2.29 -3.67 12.09
N ASN B 276 3.51 -3.96 12.46
CA ASN B 276 4.60 -4.14 11.53
C ASN B 276 4.35 -5.50 10.89
N SER B 277 3.99 -6.49 11.71
CA SER B 277 3.70 -7.84 11.14
C SER B 277 2.54 -7.75 10.17
N THR B 278 1.59 -6.84 10.44
CA THR B 278 0.42 -6.69 9.58
C THR B 278 0.82 -6.10 8.23
N VAL B 279 1.71 -5.11 8.31
CA VAL B 279 2.20 -4.36 7.15
C VAL B 279 2.93 -5.35 6.35
N ARG B 280 3.71 -6.21 7.01
CA ARG B 280 4.56 -7.10 6.31
C ARG B 280 3.79 -8.08 5.43
N ARG B 281 2.66 -8.58 5.96
CA ARG B 281 1.86 -9.63 5.27
C ARG B 281 0.89 -8.95 4.25
N ILE B 282 0.83 -7.63 4.26
CA ILE B 282 0.06 -6.89 3.28
C ILE B 282 0.86 -6.24 2.11
N TYR B 283 1.84 -5.38 2.38
CA TYR B 283 2.57 -4.73 1.23
C TYR B 283 4.05 -4.58 1.53
N SER B 284 4.46 -5.23 2.65
CA SER B 284 5.83 -5.29 3.11
C SER B 284 6.39 -3.94 3.70
N SER B 285 6.24 -2.84 2.99
CA SER B 285 6.66 -1.55 3.49
C SER B 285 6.15 -0.44 2.56
N PRO B 286 6.07 0.79 3.09
CA PRO B 286 5.35 1.82 2.44
C PRO B 286 6.21 2.64 1.49
N PRO B 287 5.56 3.54 0.69
CA PRO B 287 6.30 4.19 -0.37
C PRO B 287 7.21 5.30 0.08
N SER B 288 8.42 5.23 -0.46
CA SER B 288 9.49 6.14 -0.10
C SER B 288 9.17 7.59 -0.52
N HIS B 289 8.73 7.76 -1.77
CA HIS B 289 8.49 9.16 -2.17
C HIS B 289 7.56 9.98 -1.24
N GLY B 290 6.34 9.48 -1.02
CA GLY B 290 5.40 10.26 -0.20
C GLY B 290 5.92 10.31 1.24
N GLY B 291 6.53 9.19 1.67
CA GLY B 291 7.12 9.14 3.01
C GLY B 291 8.14 10.29 3.25
N ARG B 292 9.09 10.44 2.31
CA ARG B 292 10.04 11.58 2.38
C ARG B 292 9.39 12.92 2.32
N VAL B 293 8.39 13.10 1.46
CA VAL B 293 7.64 14.37 1.49
C VAL B 293 7.07 14.66 2.90
N VAL B 294 6.36 13.67 3.49
CA VAL B 294 5.83 13.85 4.87
C VAL B 294 6.98 14.15 5.85
N ASP B 295 7.97 13.25 5.94
CA ASP B 295 9.13 13.50 6.80
C ASP B 295 9.66 14.97 6.68
N ILE B 296 10.06 15.38 5.48
CA ILE B 296 10.65 16.68 5.23
C ILE B 296 9.68 17.85 5.60
N VAL B 297 8.44 17.82 5.14
CA VAL B 297 7.52 18.94 5.41
C VAL B 297 7.21 18.92 6.92
N MET B 298 6.90 17.72 7.51
CA MET B 298 6.56 17.74 8.93
C MET B 298 7.68 18.20 9.83
N ASN B 299 8.92 17.84 9.52
CA ASN B 299 10.00 18.12 10.46
C ASN B 299 10.92 19.27 10.15
N ASP B 300 10.76 19.89 8.99
CA ASP B 300 11.45 21.09 8.71
C ASP B 300 10.55 22.20 9.24
N ALA B 301 11.05 22.92 10.22
CA ALA B 301 10.26 23.88 10.91
C ALA B 301 9.66 24.95 10.00
N ALA B 302 10.48 25.51 9.11
CA ALA B 302 10.02 26.50 8.13
C ALA B 302 8.96 25.87 7.19
N LEU B 303 9.26 24.69 6.67
CA LEU B 303 8.27 24.05 5.78
C LEU B 303 6.98 23.73 6.55
N HIS B 304 7.14 23.26 7.78
CA HIS B 304 5.96 22.92 8.61
C HIS B 304 5.06 24.12 8.85
N GLU B 305 5.66 25.23 9.20
CA GLU B 305 4.96 26.47 9.34
C GLU B 305 4.30 26.91 8.04
N GLN B 306 5.00 26.74 6.91
CA GLN B 306 4.45 27.11 5.60
C GLN B 306 3.31 26.19 5.31
N TRP B 307 3.45 24.95 5.72
CA TRP B 307 2.40 23.96 5.43
C TRP B 307 1.07 24.32 6.15
N VAL B 308 1.18 24.50 7.46
CA VAL B 308 0.04 25.00 8.26
C VAL B 308 -0.66 26.24 7.59
N GLY B 309 0.11 27.20 7.11
CA GLY B 309 -0.47 28.44 6.48
C GLY B 309 -1.23 28.04 5.18
N GLU B 310 -0.64 27.08 4.47
CA GLU B 310 -1.21 26.64 3.22
C GLU B 310 -2.53 25.91 3.46
N VAL B 311 -2.58 25.04 4.49
CA VAL B 311 -3.79 24.31 4.85
C VAL B 311 -4.84 25.32 5.30
N TYR B 312 -4.40 26.25 6.14
CA TYR B 312 -5.40 27.21 6.68
C TYR B 312 -5.84 28.08 5.56
N ALA B 313 -4.99 28.26 4.55
CA ALA B 313 -5.55 28.98 3.38
C ALA B 313 -6.71 28.20 2.73
N MET B 314 -6.53 26.87 2.59
CA MET B 314 -7.61 25.99 2.07
C MET B 314 -8.85 26.01 2.95
N ARG B 315 -8.62 25.82 4.26
CA ARG B 315 -9.65 25.96 5.33
C ARG B 315 -10.48 27.24 5.10
N ASP B 316 -9.81 28.40 5.04
CA ASP B 316 -10.48 29.75 4.84
C ASP B 316 -11.17 29.87 3.48
N ARG B 317 -10.54 29.32 2.45
CA ARG B 317 -11.16 29.39 1.14
C ARG B 317 -12.53 28.72 1.13
N ILE B 318 -12.59 27.46 1.57
CA ILE B 318 -13.85 26.72 1.74
C ILE B 318 -14.82 27.51 2.60
N LYS B 319 -14.38 28.08 3.73
CA LYS B 319 -15.30 28.90 4.54
C LYS B 319 -15.85 30.07 3.72
N SER B 320 -15.00 30.67 2.87
CA SER B 320 -15.45 31.84 2.09
C SER B 320 -16.53 31.38 1.10
N MET B 321 -16.43 30.17 0.62
CA MET B 321 -17.44 29.70 -0.29
C MET B 321 -18.75 29.34 0.50
N ARG B 322 -18.62 28.81 1.71
CA ARG B 322 -19.83 28.53 2.52
C ARG B 322 -20.56 29.86 2.86
N THR B 323 -19.79 30.86 3.29
CA THR B 323 -20.32 32.21 3.60
C THR B 323 -21.05 32.81 2.43
N LYS B 324 -20.38 32.90 1.28
CA LYS B 324 -21.02 33.43 0.02
C LYS B 324 -22.25 32.63 -0.38
N LEU B 325 -22.12 31.33 -0.41
CA LEU B 325 -23.28 30.53 -0.75
C LEU B 325 -24.48 30.85 0.18
N LYS B 326 -24.20 30.76 1.49
CA LYS B 326 -25.16 31.08 2.55
C LYS B 326 -25.79 32.44 2.35
N SER B 327 -24.93 33.39 2.02
CA SER B 327 -25.37 34.78 1.87
C SER B 327 -26.35 34.91 0.75
N VAL B 328 -26.09 34.29 -0.40
CA VAL B 328 -27.05 34.36 -1.53
C VAL B 328 -28.38 33.64 -1.19
N LEU B 329 -28.27 32.46 -0.57
CA LEU B 329 -29.44 31.67 -0.16
C LEU B 329 -30.31 32.49 0.81
N GLU B 330 -29.71 33.04 1.84
CA GLU B 330 -30.48 33.83 2.81
C GLU B 330 -31.16 35.02 2.18
N ALA B 331 -30.48 35.70 1.24
CA ALA B 331 -30.96 36.89 0.52
C ALA B 331 -32.18 36.62 -0.35
N LYS B 332 -32.17 35.48 -1.05
CA LYS B 332 -33.18 35.16 -2.04
C LYS B 332 -34.29 34.26 -1.50
N ILE B 333 -34.04 33.54 -0.38
CA ILE B 333 -35.06 32.67 0.23
C ILE B 333 -35.41 33.16 1.61
N SER B 334 -36.52 33.88 1.61
CA SER B 334 -37.13 34.55 2.76
C SER B 334 -37.60 33.53 3.79
N GLY B 335 -37.22 33.76 5.03
CA GLY B 335 -37.76 32.99 6.14
C GLY B 335 -36.84 31.82 6.43
N ARG B 336 -36.38 31.18 5.38
CA ARG B 336 -35.56 29.99 5.55
C ARG B 336 -34.13 30.27 6.06
N ASN B 337 -33.77 29.50 7.06
CA ASN B 337 -32.47 29.58 7.71
C ASN B 337 -31.34 28.69 7.08
N PHE B 338 -30.21 29.29 6.71
CA PHE B 338 -29.09 28.50 6.18
C PHE B 338 -27.81 28.51 6.96
N ASP B 339 -27.93 28.58 8.28
CA ASP B 339 -26.80 28.72 9.18
C ASP B 339 -26.01 27.44 9.17
N TYR B 340 -26.72 26.34 8.96
CA TYR B 340 -26.05 25.05 8.92
C TYR B 340 -24.92 25.03 7.90
N LEU B 341 -25.05 25.83 6.84
CA LEU B 341 -24.03 25.83 5.77
C LEU B 341 -22.70 26.35 6.27
N THR B 342 -22.70 27.26 7.25
CA THR B 342 -21.45 27.80 7.79
C THR B 342 -21.10 27.19 9.16
N ALA B 343 -22.06 26.49 9.79
CA ALA B 343 -21.81 25.66 11.01
C ALA B 343 -21.10 24.36 10.69
N GLN B 344 -21.40 23.77 9.54
CA GLN B 344 -20.67 22.63 9.00
C GLN B 344 -19.20 22.94 8.85
N ASN B 345 -18.32 21.97 8.91
CA ASN B 345 -16.93 22.22 8.65
C ASN B 345 -16.31 21.32 7.57
N GLY B 346 -15.28 21.80 6.86
CA GLY B 346 -14.54 20.92 5.99
C GLY B 346 -15.02 20.95 4.56
N MET B 347 -14.51 20.04 3.75
CA MET B 347 -14.81 20.06 2.32
C MET B 347 -16.25 19.75 1.89
N PHE B 348 -16.99 19.05 2.75
CA PHE B 348 -18.27 18.48 2.33
C PHE B 348 -19.41 19.14 3.05
N SER B 349 -20.53 19.23 2.35
CA SER B 349 -21.66 19.83 2.95
C SER B 349 -22.90 19.00 2.58
N PHE B 350 -23.65 18.54 3.60
CA PHE B 350 -25.00 18.06 3.30
C PHE B 350 -25.84 19.35 3.04
N THR B 351 -26.24 19.61 1.77
CA THR B 351 -26.77 20.94 1.49
C THR B 351 -28.25 21.10 1.96
N GLY B 352 -28.91 19.99 2.28
CA GLY B 352 -30.34 19.95 2.63
C GLY B 352 -31.26 19.88 1.41
N LEU B 353 -30.71 19.81 0.20
CA LEU B 353 -31.53 19.61 -0.99
C LEU B 353 -32.14 18.24 -0.94
N THR B 354 -33.40 18.13 -1.34
CA THR B 354 -34.04 16.81 -1.50
C THR B 354 -33.39 16.09 -2.69
N PRO B 355 -33.56 14.74 -2.77
CA PRO B 355 -32.99 14.05 -3.95
C PRO B 355 -33.54 14.62 -5.25
N GLU B 356 -34.77 15.12 -5.20
CA GLU B 356 -35.45 15.69 -6.34
CA GLU B 356 -35.45 15.71 -6.36
C GLU B 356 -34.81 17.04 -6.72
N GLN B 357 -34.46 17.80 -5.72
CA GLN B 357 -33.78 19.04 -5.90
C GLN B 357 -32.35 18.86 -6.45
N VAL B 358 -31.68 17.77 -6.03
CA VAL B 358 -30.37 17.41 -6.56
C VAL B 358 -30.51 17.01 -8.04
N GLU B 359 -31.48 16.14 -8.34
CA GLU B 359 -31.72 15.80 -9.72
CA GLU B 359 -31.83 15.76 -9.70
C GLU B 359 -31.95 17.01 -10.63
N ARG B 360 -32.72 17.99 -10.17
CA ARG B 360 -32.90 19.23 -10.90
C ARG B 360 -31.63 20.05 -11.07
N LEU B 361 -30.78 20.09 -10.07
CA LEU B 361 -29.52 20.78 -10.32
C LEU B 361 -28.73 20.11 -11.42
N GLN B 362 -28.68 18.77 -11.46
CA GLN B 362 -27.93 18.14 -12.59
C GLN B 362 -28.61 18.46 -13.87
N SER B 363 -29.92 18.18 -13.94
CA SER B 363 -30.62 18.21 -15.25
C SER B 363 -30.84 19.62 -15.77
N GLU B 364 -31.06 20.57 -14.87
CA GLU B 364 -31.27 21.96 -15.26
C GLU B 364 -30.01 22.81 -15.39
N PHE B 365 -28.98 22.52 -14.59
CA PHE B 365 -27.86 23.42 -14.49
C PHE B 365 -26.55 22.70 -14.73
N GLY B 366 -26.57 21.38 -14.90
CA GLY B 366 -25.30 20.65 -15.04
C GLY B 366 -24.48 20.71 -13.72
N ILE B 367 -25.14 21.05 -12.61
CA ILE B 367 -24.46 21.02 -11.30
C ILE B 367 -24.64 19.65 -10.61
N TYR B 368 -23.53 18.96 -10.36
CA TYR B 368 -23.56 17.59 -9.87
C TYR B 368 -23.18 17.46 -8.39
N MET B 369 -24.15 17.04 -7.56
CA MET B 369 -23.95 16.73 -6.17
C MET B 369 -24.32 15.31 -5.99
N ILE B 370 -23.90 14.67 -4.91
CA ILE B 370 -24.39 13.28 -4.59
C ILE B 370 -25.91 13.33 -4.19
N SER B 371 -26.66 12.26 -4.48
CA SER B 371 -28.14 12.35 -4.31
C SER B 371 -28.58 12.63 -2.86
N ASN B 372 -27.68 12.31 -1.90
CA ASN B 372 -27.95 12.52 -0.48
C ASN B 372 -27.76 13.99 -0.05
N SER B 373 -27.57 14.84 -1.08
CA SER B 373 -27.29 16.25 -0.92
C SER B 373 -25.80 16.60 -0.74
N ARG B 374 -24.90 15.61 -0.75
CA ARG B 374 -23.47 15.88 -0.55
C ARG B 374 -22.90 16.72 -1.70
N MET B 375 -22.30 17.83 -1.31
CA MET B 375 -21.67 18.76 -2.23
C MET B 375 -20.25 18.90 -1.70
N CYS B 376 -19.26 18.79 -2.57
CA CYS B 376 -17.95 19.20 -2.20
C CYS B 376 -17.81 20.73 -2.30
N VAL B 377 -17.76 21.42 -1.17
CA VAL B 377 -17.58 22.89 -1.19
C VAL B 377 -16.30 23.34 -1.93
N ALA B 378 -15.26 22.52 -1.94
CA ALA B 378 -13.97 22.95 -2.54
C ALA B 378 -14.11 23.05 -4.07
N GLY B 379 -15.20 22.48 -4.60
CA GLY B 379 -15.56 22.48 -6.04
C GLY B 379 -16.02 23.85 -6.54
N LEU B 380 -16.31 24.72 -5.58
CA LEU B 380 -16.86 26.08 -5.80
C LEU B 380 -15.71 27.05 -5.68
N ASN B 381 -15.74 28.13 -6.48
CA ASN B 381 -14.64 29.07 -6.52
C ASN B 381 -15.18 30.32 -7.15
N SER B 382 -14.37 31.38 -7.31
CA SER B 382 -15.02 32.63 -7.86
C SER B 382 -15.69 32.45 -9.26
N SER B 383 -15.33 31.40 -10.02
CA SER B 383 -15.85 31.26 -11.37
C SER B 383 -17.24 30.65 -11.38
N ASN B 384 -17.63 30.00 -10.30
CA ASN B 384 -18.88 29.24 -10.40
C ASN B 384 -19.83 29.47 -9.24
N ILE B 385 -19.38 30.23 -8.24
CA ILE B 385 -20.07 30.34 -6.99
C ILE B 385 -21.41 31.04 -7.18
N ASP B 386 -21.44 32.06 -8.06
CA ASP B 386 -22.72 32.77 -8.32
C ASP B 386 -23.66 31.85 -9.07
N TYR B 387 -23.19 31.21 -10.13
CA TYR B 387 -23.95 30.20 -10.88
C TYR B 387 -24.58 29.13 -9.92
N VAL B 388 -23.72 28.46 -9.15
CA VAL B 388 -24.20 27.40 -8.29
C VAL B 388 -25.20 27.94 -7.26
N ALA B 389 -24.90 29.12 -6.68
CA ALA B 389 -25.76 29.63 -5.64
C ALA B 389 -27.11 30.02 -6.23
N ASN B 390 -27.09 30.74 -7.36
CA ASN B 390 -28.32 31.10 -8.02
C ASN B 390 -29.15 29.87 -8.46
N ALA B 391 -28.48 28.83 -8.99
CA ALA B 391 -29.13 27.59 -9.39
C ALA B 391 -29.78 26.97 -8.16
N MET B 392 -29.09 26.94 -7.04
CA MET B 392 -29.70 26.38 -5.86
C MET B 392 -30.87 27.17 -5.39
N VAL B 393 -30.75 28.50 -5.43
CA VAL B 393 -31.92 29.36 -5.13
C VAL B 393 -33.14 28.95 -5.99
N ASP B 394 -32.95 28.77 -7.30
CA ASP B 394 -33.98 28.34 -8.26
C ASP B 394 -34.60 27.04 -7.89
N VAL B 395 -33.73 26.06 -7.68
CA VAL B 395 -34.16 24.76 -7.26
C VAL B 395 -34.93 24.75 -5.95
N LEU B 396 -34.54 25.56 -4.98
CA LEU B 396 -35.25 25.57 -3.72
C LEU B 396 -36.57 26.28 -3.82
N LYS B 397 -36.59 27.38 -4.55
CA LYS B 397 -37.80 28.15 -4.81
C LYS B 397 -38.80 27.36 -5.62
N ASP B 398 -38.36 26.79 -6.77
CA ASP B 398 -39.18 25.96 -7.70
C ASP B 398 -40.67 26.44 -7.87
#